data_5VDS
#
_entry.id   5VDS
#
_cell.length_a   215.450
_cell.length_b   48.408
_cell.length_c   86.086
_cell.angle_alpha   90.000
_cell.angle_beta   104.810
_cell.angle_gamma   90.000
#
_symmetry.space_group_name_H-M   'C 1 2 1'
#
loop_
_entity.id
_entity.type
_entity.pdbx_description
1 polymer 'Cyclic GMP-AMP synthase'
2 non-polymer 'ZINC ION'
3 non-polymer "3',3'-cdUMP"
4 water water
#
_entity_poly.entity_id   1
_entity_poly.type   'polypeptide(L)'
_entity_poly.pdbx_seq_one_letter_code
;MGASKLRAVLEKLKLSRDDISTAAGMVKGVVDHLLLRLKCDSAFRGVGLLNTGSYYEHVKISAPNEFDVMFKLEVPRIQL
EEYSNTRAYYFVKFKRNPKENPLSQFLEGEILSASKMLSKFRKIIKEEINDIKDTDVIMKRKRGGSPAVTLLISEKISVD
ITLALESKSSWPASTQEGLRIQNWLSAKVRKQLRLKPFYLVPKHAKEGNGFQEETWRLSFSHIEKEILNNHGKSKTCCEN
KEEKCCRKDCLKLMKYLLEQLKERFKDKKHLDKFSSYHVKTAFFHVCTQNPQDSQWDRKDLGLCFDNCVTYFLQCLRTEK
LENYFIPEFNLFSSNLIDKRSKEFLTKQIEYERNNEFPVFDEF
;
_entity_poly.pdbx_strand_id   A,B
#
loop_
_chem_comp.id
_chem_comp.type
_chem_comp.name
_chem_comp.formula
9BJ non-polymer 3',3'-cdUMP 'C18 H24 N4 O16 P2'
ZN non-polymer 'ZINC ION' 'Zn 2'
#
# COMPACT_ATOMS: atom_id res chain seq x y z
N MET A 1 31.63 -17.04 -11.80
CA MET A 1 31.47 -15.78 -12.51
C MET A 1 31.58 -14.58 -11.58
N GLY A 2 32.42 -13.63 -11.95
CA GLY A 2 32.58 -12.39 -11.20
C GLY A 2 31.34 -11.53 -11.33
N ALA A 3 31.01 -10.78 -10.28
CA ALA A 3 29.82 -9.96 -10.29
C ALA A 3 29.92 -8.84 -11.34
N SER A 4 31.13 -8.29 -11.49
CA SER A 4 31.34 -7.19 -12.44
C SER A 4 31.22 -7.69 -13.88
N LYS A 5 31.57 -8.95 -14.12
CA LYS A 5 31.42 -9.56 -15.44
C LYS A 5 29.94 -9.69 -15.78
N LEU A 6 29.17 -10.17 -14.81
CA LEU A 6 27.73 -10.34 -14.96
C LEU A 6 27.07 -8.99 -15.23
N ARG A 7 27.47 -7.98 -14.47
CA ARG A 7 26.93 -6.64 -14.63
C ARG A 7 27.38 -6.04 -15.97
N ALA A 8 28.52 -6.50 -16.47
CA ALA A 8 28.99 -6.08 -17.79
C ALA A 8 28.08 -6.66 -18.87
N VAL A 9 27.68 -7.92 -18.69
CA VAL A 9 26.75 -8.56 -19.59
C VAL A 9 25.41 -7.81 -19.59
N LEU A 10 24.90 -7.56 -18.39
CA LEU A 10 23.62 -6.86 -18.23
C LEU A 10 23.64 -5.45 -18.83
N GLU A 11 24.70 -4.69 -18.55
CA GLU A 11 24.84 -3.35 -19.10
C GLU A 11 24.94 -3.41 -20.62
N LYS A 12 25.61 -4.46 -21.11
CA LYS A 12 25.71 -4.67 -22.55
C LYS A 12 24.33 -4.91 -23.14
N LEU A 13 23.43 -5.51 -22.35
CA LEU A 13 22.07 -5.74 -22.81
C LEU A 13 21.21 -4.46 -22.78
N LYS A 14 21.57 -3.54 -21.89
CA LYS A 14 20.83 -2.29 -21.68
C LYS A 14 20.99 -1.26 -22.80
N LEU A 15 21.68 -1.63 -23.87
CA LEU A 15 22.01 -0.69 -24.95
C LEU A 15 20.82 -0.33 -25.84
N SER A 16 19.61 -0.58 -25.36
CA SER A 16 18.40 -0.31 -26.12
C SER A 16 17.67 0.93 -25.61
N ARG A 17 18.28 1.62 -24.65
CA ARG A 17 17.68 2.78 -23.98
C ARG A 17 17.18 3.88 -24.92
N ASP A 18 17.98 4.20 -25.95
CA ASP A 18 17.65 5.28 -26.86
C ASP A 18 16.38 4.98 -27.68
N ASP A 19 16.19 3.70 -27.98
CA ASP A 19 15.07 3.24 -28.80
C ASP A 19 13.77 3.11 -28.00
N ILE A 20 13.90 2.89 -26.70
CA ILE A 20 12.77 2.66 -25.80
C ILE A 20 11.70 3.75 -25.89
N SER A 21 12.12 5.01 -25.90
CA SER A 21 11.16 6.12 -25.99
C SER A 21 10.45 6.11 -27.35
N THR A 22 11.23 5.90 -28.41
CA THR A 22 10.71 5.89 -29.77
C THR A 22 9.65 4.80 -29.96
N ALA A 23 9.91 3.61 -29.42
CA ALA A 23 8.95 2.52 -29.52
C ALA A 23 7.74 2.75 -28.62
N ALA A 24 8.01 3.15 -27.38
CA ALA A 24 6.97 3.39 -26.39
C ALA A 24 5.97 4.45 -26.85
N GLY A 25 6.44 5.39 -27.65
CA GLY A 25 5.55 6.41 -28.21
C GLY A 25 4.49 5.83 -29.12
N MET A 26 4.94 5.11 -30.14
CA MET A 26 4.04 4.50 -31.13
C MET A 26 3.13 3.47 -30.47
N VAL A 27 3.72 2.56 -29.71
CA VAL A 27 2.96 1.51 -29.04
C VAL A 27 1.91 2.11 -28.11
N LYS A 28 2.34 3.09 -27.32
CA LYS A 28 1.46 3.77 -26.39
C LYS A 28 0.29 4.42 -27.13
N GLY A 29 0.59 5.07 -28.26
CA GLY A 29 -0.43 5.69 -29.07
C GLY A 29 -1.48 4.70 -29.58
N VAL A 30 -1.00 3.63 -30.21
CA VAL A 30 -1.88 2.61 -30.76
C VAL A 30 -2.75 1.97 -29.67
N VAL A 31 -2.12 1.59 -28.56
CA VAL A 31 -2.85 0.96 -27.45
C VAL A 31 -3.90 1.89 -26.87
N ASP A 32 -3.53 3.16 -26.67
CA ASP A 32 -4.46 4.15 -26.14
C ASP A 32 -5.65 4.32 -27.07
N HIS A 33 -5.37 4.36 -28.37
CA HIS A 33 -6.44 4.49 -29.37
C HIS A 33 -7.39 3.28 -29.30
N LEU A 34 -6.81 2.08 -29.22
CA LEU A 34 -7.59 0.86 -29.09
C LEU A 34 -8.46 0.85 -27.84
N LEU A 35 -7.95 1.46 -26.77
CA LEU A 35 -8.71 1.59 -25.54
C LEU A 35 -9.89 2.55 -25.74
N LEU A 36 -9.60 3.70 -26.35
CA LEU A 36 -10.61 4.72 -26.62
C LEU A 36 -11.77 4.17 -27.46
N ARG A 37 -11.44 3.44 -28.52
CA ARG A 37 -12.47 2.88 -29.38
C ARG A 37 -13.16 1.68 -28.73
N LEU A 38 -12.38 0.90 -27.98
CA LEU A 38 -12.88 -0.34 -27.39
C LEU A 38 -13.82 -0.07 -26.22
N LYS A 39 -13.72 1.12 -25.63
CA LYS A 39 -14.58 1.51 -24.51
C LYS A 39 -16.02 1.76 -24.94
N CYS A 40 -16.25 1.92 -26.24
CA CYS A 40 -17.57 2.30 -26.76
C CYS A 40 -18.60 1.18 -26.62
N ASP A 41 -18.14 -0.07 -26.57
CA ASP A 41 -19.05 -1.21 -26.46
C ASP A 41 -19.65 -1.32 -25.06
N SER A 42 -20.83 -1.91 -24.98
CA SER A 42 -21.54 -2.06 -23.72
C SER A 42 -20.87 -3.12 -22.83
N ALA A 43 -20.45 -4.21 -23.44
CA ALA A 43 -19.82 -5.31 -22.70
C ALA A 43 -18.43 -4.91 -22.22
N PHE A 44 -17.68 -4.23 -23.08
CA PHE A 44 -16.33 -3.79 -22.75
C PHE A 44 -16.33 -2.33 -22.31
N ARG A 45 -17.30 -1.96 -21.48
CA ARG A 45 -17.42 -0.59 -21.02
C ARG A 45 -16.33 -0.22 -20.02
N GLY A 46 -16.15 -1.08 -19.01
CA GLY A 46 -15.17 -0.83 -17.98
C GLY A 46 -13.80 -1.37 -18.29
N VAL A 47 -13.47 -1.46 -19.58
CA VAL A 47 -12.17 -1.97 -20.01
C VAL A 47 -11.09 -0.94 -19.68
N GLY A 48 -9.88 -1.43 -19.39
CA GLY A 48 -8.78 -0.56 -19.07
C GLY A 48 -7.41 -1.18 -19.28
N LEU A 49 -6.38 -0.37 -19.14
CA LEU A 49 -5.00 -0.82 -19.28
C LEU A 49 -4.47 -1.19 -17.90
N LEU A 50 -4.07 -2.45 -17.74
CA LEU A 50 -3.54 -2.90 -16.47
C LEU A 50 -2.17 -2.29 -16.22
N ASN A 51 -1.40 -2.12 -17.30
CA ASN A 51 -0.07 -1.52 -17.22
C ASN A 51 0.82 -2.15 -16.15
N THR A 52 1.31 -3.35 -16.43
CA THR A 52 2.20 -4.03 -15.49
C THR A 52 3.62 -3.99 -16.01
N GLY A 53 4.25 -2.83 -15.87
CA GLY A 53 5.60 -2.60 -16.33
C GLY A 53 5.64 -1.76 -17.60
N SER A 54 4.78 -2.11 -18.55
CA SER A 54 4.71 -1.48 -19.87
C SER A 54 6.04 -1.59 -20.62
N TYR A 55 6.98 -2.33 -20.04
CA TYR A 55 8.29 -2.55 -20.63
C TYR A 55 8.26 -3.92 -21.30
N TYR A 56 9.41 -4.47 -21.62
CA TYR A 56 9.50 -5.78 -22.27
C TYR A 56 9.55 -6.91 -21.25
N GLU A 57 8.85 -7.99 -21.55
CA GLU A 57 8.92 -9.20 -20.75
C GLU A 57 9.96 -10.17 -21.33
N HIS A 58 10.65 -9.72 -22.37
CA HIS A 58 11.68 -10.51 -23.02
C HIS A 58 12.90 -9.62 -23.23
N VAL A 59 14.07 -10.07 -22.77
CA VAL A 59 15.27 -9.25 -22.83
C VAL A 59 16.09 -9.48 -24.10
N LYS A 60 16.10 -10.73 -24.59
CA LYS A 60 16.91 -11.12 -25.75
C LYS A 60 16.80 -12.63 -26.01
N ALA A 63 15.11 -8.62 -26.97
CA ALA A 63 13.94 -8.49 -27.83
C ALA A 63 13.25 -7.16 -27.61
N PRO A 64 13.73 -6.10 -28.29
CA PRO A 64 13.17 -4.74 -28.22
C PRO A 64 11.94 -4.55 -29.10
N ASN A 65 11.63 -5.51 -29.96
CA ASN A 65 10.52 -5.38 -30.90
C ASN A 65 9.19 -5.95 -30.40
N GLU A 66 9.20 -6.74 -29.34
CA GLU A 66 7.99 -7.42 -28.87
C GLU A 66 7.44 -6.88 -27.55
N PHE A 67 6.17 -6.46 -27.58
CA PHE A 67 5.50 -5.90 -26.39
C PHE A 67 4.37 -6.79 -25.91
N ASP A 68 4.03 -6.65 -24.62
CA ASP A 68 2.91 -7.38 -24.04
C ASP A 68 2.05 -6.45 -23.18
N VAL A 69 0.81 -6.23 -23.61
CA VAL A 69 -0.12 -5.42 -22.83
C VAL A 69 -1.28 -6.28 -22.37
N MET A 70 -1.93 -5.87 -21.28
CA MET A 70 -3.05 -6.61 -20.74
C MET A 70 -4.22 -5.68 -20.45
N PHE A 71 -5.39 -6.03 -20.99
CA PHE A 71 -6.60 -5.23 -20.79
C PHE A 71 -7.46 -5.86 -19.69
N LYS A 72 -7.67 -5.10 -18.61
CA LYS A 72 -8.51 -5.56 -17.51
C LYS A 72 -9.96 -5.13 -17.72
N LEU A 73 -10.89 -5.93 -17.19
CA LEU A 73 -12.31 -5.61 -17.26
C LEU A 73 -12.99 -5.92 -15.94
N GLU A 74 -13.55 -4.90 -15.30
CA GLU A 74 -14.21 -5.07 -14.02
C GLU A 74 -15.48 -5.89 -14.20
N VAL A 75 -15.47 -7.10 -13.64
CA VAL A 75 -16.63 -7.98 -13.70
C VAL A 75 -17.14 -8.24 -12.29
N PRO A 76 -18.08 -7.41 -11.83
CA PRO A 76 -18.61 -7.46 -10.46
C PRO A 76 -19.47 -8.70 -10.20
N ARG A 77 -19.38 -9.23 -8.99
CA ARG A 77 -20.18 -10.38 -8.55
C ARG A 77 -20.00 -11.59 -9.47
N ILE A 78 -18.89 -12.31 -9.27
CA ILE A 78 -18.62 -13.50 -10.05
C ILE A 78 -18.62 -14.73 -9.16
N GLN A 79 -19.00 -15.87 -9.71
CA GLN A 79 -18.97 -17.13 -8.98
C GLN A 79 -18.03 -18.11 -9.69
N LEU A 80 -16.85 -18.33 -9.12
CA LEU A 80 -15.88 -19.23 -9.72
C LEU A 80 -16.19 -20.68 -9.39
N GLU A 81 -15.97 -21.57 -10.35
CA GLU A 81 -16.16 -23.00 -10.12
C GLU A 81 -14.93 -23.78 -10.56
N GLU A 82 -14.24 -24.38 -9.59
CA GLU A 82 -12.99 -25.09 -9.86
C GLU A 82 -13.19 -26.24 -10.83
N TYR A 83 -12.28 -26.36 -11.79
CA TYR A 83 -12.38 -27.39 -12.82
C TYR A 83 -11.43 -28.57 -12.56
N SER A 84 -12.01 -29.73 -12.24
CA SER A 84 -11.28 -30.98 -12.11
C SER A 84 -10.08 -30.90 -11.17
N ASN A 85 -10.19 -30.10 -10.13
CA ASN A 85 -9.14 -29.94 -9.13
C ASN A 85 -7.81 -29.51 -9.74
N THR A 86 -7.88 -28.66 -10.76
CA THR A 86 -6.67 -28.14 -11.41
C THR A 86 -6.12 -26.97 -10.61
N ARG A 87 -6.90 -26.49 -9.65
CA ARG A 87 -6.49 -25.46 -8.69
C ARG A 87 -6.20 -24.08 -9.33
N ALA A 88 -6.06 -24.03 -10.64
CA ALA A 88 -5.69 -22.79 -11.32
C ALA A 88 -6.72 -22.39 -12.36
N TYR A 89 -7.46 -23.37 -12.87
CA TYR A 89 -8.44 -23.12 -13.92
C TYR A 89 -9.86 -23.15 -13.35
N TYR A 90 -10.68 -22.18 -13.76
CA TYR A 90 -12.02 -22.03 -13.22
C TYR A 90 -13.06 -21.72 -14.29
N PHE A 91 -14.31 -22.09 -14.02
CA PHE A 91 -15.44 -21.64 -14.81
C PHE A 91 -16.00 -20.37 -14.18
N VAL A 92 -16.33 -19.39 -15.01
CA VAL A 92 -16.85 -18.12 -14.51
C VAL A 92 -18.37 -18.08 -14.62
N LYS A 93 -19.03 -17.99 -13.46
CA LYS A 93 -20.47 -17.85 -13.41
C LYS A 93 -20.83 -16.49 -12.83
N PHE A 94 -22.13 -16.19 -12.77
CA PHE A 94 -22.59 -14.90 -12.26
C PHE A 94 -23.69 -15.09 -11.21
N LYS A 95 -23.56 -14.35 -10.11
CA LYS A 95 -24.54 -14.41 -9.04
C LYS A 95 -25.56 -13.29 -9.15
N LYS A 99 -29.54 -11.89 -14.48
CA LYS A 99 -30.39 -10.73 -14.75
C LYS A 99 -29.66 -9.72 -15.62
N GLU A 100 -29.55 -8.48 -15.12
CA GLU A 100 -28.86 -7.43 -15.84
C GLU A 100 -27.36 -7.70 -15.89
N ASN A 101 -26.89 -8.17 -17.04
CA ASN A 101 -25.48 -8.52 -17.21
C ASN A 101 -24.95 -7.98 -18.53
N PRO A 102 -23.94 -7.09 -18.45
CA PRO A 102 -23.32 -6.53 -19.66
C PRO A 102 -22.64 -7.59 -20.52
N LEU A 103 -22.32 -8.73 -19.91
CA LEU A 103 -21.65 -9.82 -20.61
C LEU A 103 -22.60 -10.98 -20.87
N SER A 104 -23.90 -10.69 -20.90
CA SER A 104 -24.92 -11.72 -21.08
C SER A 104 -24.88 -12.31 -22.49
N GLN A 105 -24.39 -11.53 -23.46
CA GLN A 105 -24.31 -11.99 -24.83
C GLN A 105 -23.26 -13.08 -25.00
N PHE A 106 -22.33 -13.15 -24.05
CA PHE A 106 -21.24 -14.11 -24.11
C PHE A 106 -21.53 -15.35 -23.25
N LEU A 107 -22.73 -15.40 -22.68
CA LEU A 107 -23.14 -16.54 -21.86
C LEU A 107 -23.56 -17.73 -22.70
N GLU A 108 -22.78 -18.81 -22.62
CA GLU A 108 -23.15 -20.07 -23.26
C GLU A 108 -23.79 -20.98 -22.23
N GLY A 109 -25.04 -20.67 -21.88
CA GLY A 109 -25.73 -21.37 -20.81
C GLY A 109 -25.57 -20.65 -19.49
N GLU A 110 -24.82 -21.24 -18.57
CA GLU A 110 -24.56 -20.61 -17.28
C GLU A 110 -23.10 -20.21 -17.17
N ILE A 111 -22.26 -20.79 -18.03
CA ILE A 111 -20.83 -20.53 -18.02
C ILE A 111 -20.47 -19.46 -19.04
N LEU A 112 -19.69 -18.48 -18.63
CA LEU A 112 -19.23 -17.42 -19.51
C LEU A 112 -18.26 -17.96 -20.56
N SER A 113 -18.64 -17.86 -21.83
CA SER A 113 -17.79 -18.35 -22.92
C SER A 113 -16.62 -17.41 -23.16
N ALA A 114 -15.42 -17.98 -23.17
CA ALA A 114 -14.21 -17.20 -23.42
C ALA A 114 -13.97 -16.97 -24.91
N SER A 115 -14.34 -17.96 -25.72
CA SER A 115 -14.11 -17.90 -27.16
C SER A 115 -14.93 -16.82 -27.85
N LYS A 116 -16.19 -16.68 -27.45
CA LYS A 116 -17.07 -15.68 -28.04
C LYS A 116 -16.64 -14.27 -27.65
N MET A 117 -16.30 -14.10 -26.37
CA MET A 117 -15.83 -12.82 -25.86
C MET A 117 -14.51 -12.42 -26.52
N LEU A 118 -13.64 -13.41 -26.74
CA LEU A 118 -12.37 -13.18 -27.41
C LEU A 118 -12.61 -12.83 -28.88
N SER A 119 -13.66 -13.41 -29.45
CA SER A 119 -14.02 -13.14 -30.83
C SER A 119 -14.53 -11.72 -31.00
N LYS A 120 -15.36 -11.28 -30.06
CA LYS A 120 -15.88 -9.91 -30.07
C LYS A 120 -14.74 -8.93 -29.86
N PHE A 121 -13.84 -9.28 -28.95
CA PHE A 121 -12.64 -8.50 -28.64
C PHE A 121 -11.80 -8.29 -29.91
N ARG A 122 -11.40 -9.40 -30.52
CA ARG A 122 -10.60 -9.39 -31.73
C ARG A 122 -11.33 -8.69 -32.88
N LYS A 123 -12.65 -8.78 -32.88
CA LYS A 123 -13.45 -8.16 -33.92
C LYS A 123 -13.43 -6.63 -33.79
N ILE A 124 -13.57 -6.15 -32.56
CA ILE A 124 -13.53 -4.70 -32.32
C ILE A 124 -12.13 -4.17 -32.65
N ILE A 125 -11.10 -4.88 -32.18
CA ILE A 125 -9.73 -4.45 -32.42
C ILE A 125 -9.43 -4.44 -33.92
N LYS A 126 -9.89 -5.46 -34.63
CA LYS A 126 -9.65 -5.54 -36.08
C LYS A 126 -10.49 -4.48 -36.80
N GLU A 127 -11.57 -4.04 -36.16
CA GLU A 127 -12.39 -2.96 -36.70
C GLU A 127 -11.69 -1.62 -36.50
N GLU A 128 -10.83 -1.53 -35.49
CA GLU A 128 -10.16 -0.26 -35.21
C GLU A 128 -8.82 -0.12 -35.93
N ILE A 129 -8.16 -1.24 -36.21
CA ILE A 129 -6.88 -1.17 -36.91
C ILE A 129 -7.12 -0.78 -38.37
N ASN A 130 -8.37 -0.90 -38.82
CA ASN A 130 -8.74 -0.55 -40.17
C ASN A 130 -8.63 0.95 -40.42
N ASP A 131 -8.80 1.72 -39.34
CA ASP A 131 -8.74 3.18 -39.43
C ASP A 131 -7.74 3.76 -38.44
N ASP A 136 0.24 2.08 -40.10
CA ASP A 136 0.79 0.87 -40.69
C ASP A 136 0.66 -0.32 -39.73
N VAL A 137 -0.46 -0.39 -39.03
CA VAL A 137 -0.70 -1.45 -38.06
C VAL A 137 -1.43 -2.62 -38.72
N ILE A 138 -0.88 -3.82 -38.56
CA ILE A 138 -1.47 -5.01 -39.18
C ILE A 138 -1.62 -6.13 -38.16
N MET A 139 -2.86 -6.59 -37.98
CA MET A 139 -3.14 -7.68 -37.04
C MET A 139 -2.69 -9.02 -37.62
N LYS A 140 -2.11 -9.86 -36.77
CA LYS A 140 -1.67 -11.18 -37.18
C LYS A 140 -2.72 -12.24 -36.83
N ARG A 141 -2.70 -13.34 -37.56
CA ARG A 141 -3.66 -14.43 -37.34
C ARG A 141 -3.36 -15.17 -36.05
N PRO A 147 -5.24 -17.32 -27.49
CA PRO A 147 -5.51 -16.62 -26.23
C PRO A 147 -5.18 -15.13 -26.32
N ALA A 148 -4.12 -14.79 -27.05
CA ALA A 148 -3.69 -13.41 -27.20
C ALA A 148 -4.00 -12.89 -28.60
N VAL A 149 -3.89 -11.57 -28.77
CA VAL A 149 -4.09 -10.94 -30.07
C VAL A 149 -2.87 -10.11 -30.43
N THR A 150 -2.13 -10.55 -31.45
CA THR A 150 -0.87 -9.91 -31.82
C THR A 150 -1.06 -8.85 -32.89
N LEU A 151 -0.40 -7.72 -32.70
CA LEU A 151 -0.44 -6.63 -33.67
C LEU A 151 0.97 -6.31 -34.18
N LEU A 152 1.04 -5.73 -35.37
CA LEU A 152 2.31 -5.39 -35.99
C LEU A 152 2.36 -3.91 -36.38
N ILE A 153 3.11 -3.13 -35.61
CA ILE A 153 3.27 -1.71 -35.83
C ILE A 153 4.51 -1.43 -36.67
N SER A 154 4.32 -0.72 -37.77
CA SER A 154 5.41 -0.31 -38.67
C SER A 154 6.22 -1.49 -39.20
N GLU A 155 5.55 -2.64 -39.33
CA GLU A 155 6.18 -3.86 -39.83
C GLU A 155 7.43 -4.24 -39.05
N LYS A 156 7.44 -3.90 -37.76
CA LYS A 156 8.61 -4.11 -36.91
C LYS A 156 8.21 -4.52 -35.50
N ILE A 157 7.41 -3.67 -34.85
CA ILE A 157 7.07 -3.89 -33.45
C ILE A 157 5.89 -4.84 -33.31
N SER A 158 6.03 -5.85 -32.45
CA SER A 158 4.96 -6.80 -32.19
C SER A 158 4.33 -6.53 -30.82
N VAL A 159 3.00 -6.45 -30.78
CA VAL A 159 2.31 -6.16 -29.53
C VAL A 159 1.30 -7.25 -29.21
N ASP A 160 1.54 -7.98 -28.13
CA ASP A 160 0.60 -9.01 -27.69
C ASP A 160 -0.42 -8.45 -26.72
N ILE A 161 -1.69 -8.51 -27.11
CA ILE A 161 -2.77 -8.00 -26.28
C ILE A 161 -3.49 -9.15 -25.61
N THR A 162 -3.66 -9.05 -24.29
CA THR A 162 -4.34 -10.09 -23.52
C THR A 162 -5.54 -9.52 -22.79
N LEU A 163 -6.70 -10.16 -22.95
CA LEU A 163 -7.89 -9.76 -22.22
C LEU A 163 -7.94 -10.49 -20.89
N ALA A 164 -8.22 -9.75 -19.81
CA ALA A 164 -8.26 -10.35 -18.49
C ALA A 164 -9.43 -9.82 -17.67
N LEU A 165 -10.16 -10.74 -17.05
CA LEU A 165 -11.26 -10.38 -16.16
C LEU A 165 -10.71 -9.99 -14.79
N GLU A 166 -11.27 -8.92 -14.22
CA GLU A 166 -10.85 -8.47 -12.91
C GLU A 166 -11.92 -8.81 -11.87
N SER A 167 -11.48 -9.40 -10.76
CA SER A 167 -12.39 -9.70 -9.66
C SER A 167 -11.88 -9.08 -8.36
N LYS A 168 -12.69 -8.21 -7.77
CA LYS A 168 -12.32 -7.54 -6.53
C LYS A 168 -12.74 -8.35 -5.31
N SER A 169 -13.21 -9.57 -5.55
CA SER A 169 -13.55 -10.48 -4.46
C SER A 169 -12.28 -11.01 -3.82
N SER A 170 -12.44 -11.76 -2.72
CA SER A 170 -11.30 -12.39 -2.07
C SER A 170 -10.75 -13.49 -2.97
N TRP A 171 -9.46 -13.76 -2.85
CA TRP A 171 -8.80 -14.74 -3.70
C TRP A 171 -9.33 -16.15 -3.47
N PRO A 172 -9.36 -16.98 -4.52
CA PRO A 172 -9.82 -18.37 -4.43
C PRO A 172 -9.10 -19.18 -3.36
N ALA A 173 -9.70 -20.29 -2.93
CA ALA A 173 -9.17 -21.10 -1.83
C ALA A 173 -7.82 -21.74 -2.16
N SER A 174 -7.53 -21.91 -3.44
CA SER A 174 -6.30 -22.57 -3.87
C SER A 174 -5.07 -21.70 -3.62
N THR A 175 -5.28 -20.44 -3.32
CA THR A 175 -4.19 -19.50 -3.09
C THR A 175 -3.99 -19.22 -1.60
N GLN A 176 -4.67 -20.01 -0.76
CA GLN A 176 -4.64 -19.78 0.68
C GLN A 176 -3.23 -19.91 1.27
N GLU A 177 -2.51 -20.95 0.84
CA GLU A 177 -1.17 -21.21 1.36
C GLU A 177 -0.10 -20.72 0.39
N GLY A 178 -0.49 -19.90 -0.57
CA GLY A 178 0.46 -19.34 -1.53
C GLY A 178 1.00 -17.99 -1.10
N LEU A 179 1.88 -17.43 -1.92
CA LEU A 179 2.48 -16.12 -1.66
C LEU A 179 3.14 -16.07 -0.29
N ARG A 180 4.06 -17.00 -0.04
CA ARG A 180 4.78 -17.05 1.23
C ARG A 180 5.86 -15.98 1.30
N ILE A 181 5.46 -14.77 1.68
CA ILE A 181 6.38 -13.65 1.74
C ILE A 181 6.45 -13.08 3.15
N GLN A 182 5.92 -13.82 4.12
CA GLN A 182 5.83 -13.36 5.50
C GLN A 182 7.20 -13.09 6.11
N ASN A 183 8.15 -13.99 5.87
CA ASN A 183 9.49 -13.81 6.43
C ASN A 183 10.32 -12.88 5.57
N TRP A 184 9.81 -12.60 4.37
CA TRP A 184 10.52 -11.75 3.41
C TRP A 184 9.98 -10.32 3.44
N LEU A 185 8.74 -10.15 2.99
CA LEU A 185 8.16 -8.82 2.87
C LEU A 185 7.14 -8.52 3.96
N SER A 186 7.12 -9.37 4.97
CA SER A 186 6.23 -9.27 6.15
C SER A 186 4.80 -9.72 5.84
N ALA A 187 4.09 -10.12 6.90
CA ALA A 187 2.72 -10.60 6.78
C ALA A 187 1.75 -9.45 6.52
N LYS A 188 2.14 -8.26 6.97
CA LYS A 188 1.35 -7.06 6.75
C LYS A 188 1.17 -6.80 5.26
N VAL A 189 2.29 -6.86 4.54
CA VAL A 189 2.28 -6.64 3.10
C VAL A 189 1.50 -7.75 2.40
N ARG A 190 1.62 -8.98 2.90
CA ARG A 190 0.88 -10.09 2.31
C ARG A 190 -0.62 -9.86 2.45
N LYS A 191 -1.03 -9.39 3.62
CA LYS A 191 -2.43 -9.08 3.89
C LYS A 191 -2.94 -7.97 2.97
N GLN A 192 -2.17 -6.88 2.86
CA GLN A 192 -2.61 -5.75 2.05
C GLN A 192 -2.62 -6.12 0.55
N LEU A 193 -1.76 -7.07 0.17
CA LEU A 193 -1.69 -7.51 -1.21
C LEU A 193 -2.86 -8.42 -1.55
N ARG A 194 -3.23 -9.30 -0.62
CA ARG A 194 -4.33 -10.23 -0.85
C ARG A 194 -5.69 -9.53 -0.88
N LEU A 195 -5.71 -8.26 -0.44
CA LEU A 195 -6.93 -7.46 -0.50
C LEU A 195 -7.15 -6.90 -1.90
N LYS A 196 -6.06 -6.83 -2.67
CA LYS A 196 -6.14 -6.36 -4.06
C LYS A 196 -6.89 -7.39 -4.91
N PRO A 197 -7.48 -6.94 -6.04
CA PRO A 197 -8.21 -7.86 -6.90
C PRO A 197 -7.31 -8.89 -7.57
N PHE A 198 -7.91 -9.95 -8.10
CA PHE A 198 -7.16 -10.95 -8.85
C PHE A 198 -7.71 -11.03 -10.26
N TYR A 199 -6.95 -11.64 -11.17
CA TYR A 199 -7.37 -11.62 -12.57
C TYR A 199 -7.57 -13.01 -13.15
N LEU A 200 -8.21 -13.06 -14.32
CA LEU A 200 -8.51 -14.32 -14.99
C LEU A 200 -8.28 -14.17 -16.49
N VAL A 201 -7.39 -15.00 -17.03
CA VAL A 201 -7.10 -14.96 -18.46
C VAL A 201 -7.67 -16.21 -19.13
N PRO A 202 -8.15 -16.06 -20.37
CA PRO A 202 -8.70 -17.21 -21.10
C PRO A 202 -7.61 -18.24 -21.45
N LYS A 203 -7.69 -19.41 -20.84
CA LYS A 203 -6.70 -20.46 -21.09
C LYS A 203 -7.29 -21.83 -20.78
N HIS A 204 -7.09 -22.78 -21.69
CA HIS A 204 -7.59 -24.14 -21.51
C HIS A 204 -6.66 -24.96 -20.63
N ALA A 205 -7.21 -26.01 -20.02
CA ALA A 205 -6.42 -26.90 -19.18
C ALA A 205 -6.03 -28.15 -19.95
N LYS A 206 -4.90 -28.75 -19.58
CA LYS A 206 -4.41 -29.95 -20.25
C LYS A 206 -5.26 -31.17 -19.89
N GLU A 213 -12.78 -26.12 -23.82
CA GLU A 213 -12.93 -26.28 -22.37
C GLU A 213 -13.62 -25.05 -21.77
N GLU A 214 -13.36 -23.88 -22.35
CA GLU A 214 -13.93 -22.62 -21.92
C GLU A 214 -13.62 -22.32 -20.45
N THR A 215 -12.35 -22.44 -20.07
CA THR A 215 -11.94 -22.19 -18.70
C THR A 215 -11.06 -20.95 -18.60
N TRP A 216 -10.88 -20.46 -17.37
CA TRP A 216 -10.05 -19.28 -17.12
C TRP A 216 -8.98 -19.59 -16.07
N ARG A 217 -7.76 -19.11 -16.31
CA ARG A 217 -6.65 -19.32 -15.38
CA ARG A 217 -6.67 -19.32 -15.36
C ARG A 217 -6.43 -18.07 -14.53
N LEU A 218 -6.12 -18.28 -13.25
CA LEU A 218 -5.81 -17.18 -12.34
C LEU A 218 -4.56 -16.43 -12.80
N SER A 219 -4.54 -15.13 -12.54
CA SER A 219 -3.41 -14.29 -12.92
C SER A 219 -3.17 -13.20 -11.88
N PHE A 220 -1.91 -13.05 -11.49
CA PHE A 220 -1.50 -12.07 -10.49
C PHE A 220 -0.28 -11.27 -10.99
N SER A 221 -0.33 -10.86 -12.26
CA SER A 221 0.80 -10.15 -12.87
C SER A 221 1.12 -8.86 -12.12
N HIS A 222 0.07 -8.18 -11.65
CA HIS A 222 0.21 -6.94 -10.91
C HIS A 222 0.94 -7.17 -9.59
N ILE A 223 0.64 -8.28 -8.94
CA ILE A 223 1.29 -8.64 -7.68
C ILE A 223 2.76 -8.95 -7.92
N GLU A 224 3.05 -9.67 -9.00
CA GLU A 224 4.42 -10.01 -9.36
C GLU A 224 5.24 -8.75 -9.64
N LYS A 225 4.66 -7.84 -10.40
CA LYS A 225 5.31 -6.55 -10.67
C LYS A 225 5.56 -5.80 -9.37
N GLU A 226 4.56 -5.79 -8.51
CA GLU A 226 4.64 -5.06 -7.24
C GLU A 226 5.75 -5.61 -6.34
N ILE A 227 5.82 -6.93 -6.18
CA ILE A 227 6.83 -7.52 -5.32
C ILE A 227 8.21 -7.39 -5.96
N LEU A 228 8.26 -7.33 -7.29
CA LEU A 228 9.53 -7.17 -7.98
C LEU A 228 10.08 -5.75 -7.82
N ASN A 229 9.19 -4.76 -7.85
CA ASN A 229 9.60 -3.35 -7.74
C ASN A 229 9.74 -2.91 -6.29
N ASN A 230 9.25 -3.72 -5.37
CA ASN A 230 9.42 -3.48 -3.94
C ASN A 230 9.86 -4.78 -3.29
N HIS A 231 11.14 -5.11 -3.51
CA HIS A 231 11.65 -6.47 -3.30
C HIS A 231 12.45 -6.67 -2.03
N GLY A 232 12.80 -5.60 -1.34
CA GLY A 232 13.65 -5.72 -0.17
C GLY A 232 12.91 -5.87 1.13
N LYS A 233 13.59 -6.40 2.15
CA LYS A 233 13.03 -6.42 3.49
C LYS A 233 13.07 -5.00 4.03
N SER A 234 14.15 -4.30 3.71
CA SER A 234 14.25 -2.89 4.04
C SER A 234 13.43 -2.08 3.03
N LYS A 235 12.71 -1.09 3.54
CA LYS A 235 11.90 -0.24 2.68
C LYS A 235 12.77 0.64 1.79
N THR A 236 13.98 0.91 2.26
CA THR A 236 14.90 1.78 1.52
C THR A 236 15.87 0.97 0.66
N CYS A 237 15.54 -0.30 0.41
CA CYS A 237 16.38 -1.17 -0.40
C CYS A 237 16.51 -0.63 -1.82
N CYS A 238 17.74 -0.56 -2.30
CA CYS A 238 18.06 0.00 -3.62
C CYS A 238 17.63 1.45 -3.74
N GLU A 239 17.78 2.21 -2.65
CA GLU A 239 17.49 3.65 -2.68
C GLU A 239 18.71 4.46 -2.28
N ASN A 240 19.76 3.77 -1.84
CA ASN A 240 21.01 4.42 -1.49
C ASN A 240 22.20 3.51 -1.82
N LYS A 241 23.41 4.08 -1.76
CA LYS A 241 24.62 3.35 -2.14
C LYS A 241 24.89 2.19 -1.21
N GLU A 242 24.47 2.30 0.05
CA GLU A 242 24.76 1.28 1.06
C GLU A 242 23.77 0.11 1.05
N GLU A 243 22.64 0.29 0.35
CA GLU A 243 21.59 -0.73 0.36
C GLU A 243 21.19 -1.20 -1.04
N LYS A 244 22.16 -1.36 -1.93
CA LYS A 244 21.88 -1.87 -3.27
C LYS A 244 22.06 -3.39 -3.30
N CYS A 245 20.99 -4.09 -3.69
CA CYS A 245 21.03 -5.54 -3.76
C CYS A 245 21.13 -6.03 -5.21
N CYS A 246 21.11 -7.33 -5.41
CA CYS A 246 21.31 -7.91 -6.74
C CYS A 246 20.20 -8.89 -7.14
N ARG A 247 18.99 -8.64 -6.65
CA ARG A 247 17.85 -9.49 -6.98
C ARG A 247 17.47 -9.37 -8.45
N LYS A 248 17.22 -8.13 -8.88
CA LYS A 248 16.82 -7.84 -10.24
C LYS A 248 17.86 -8.32 -11.24
N ASP A 249 19.13 -8.16 -10.88
CA ASP A 249 20.22 -8.62 -11.72
C ASP A 249 20.20 -10.13 -11.89
N CYS A 250 19.90 -10.84 -10.81
CA CYS A 250 19.80 -12.29 -10.85
C CYS A 250 18.65 -12.73 -11.75
N LEU A 251 17.49 -12.09 -11.60
CA LEU A 251 16.35 -12.41 -12.44
C LEU A 251 16.66 -12.18 -13.92
N LYS A 252 17.23 -11.02 -14.23
CA LYS A 252 17.59 -10.69 -15.60
C LYS A 252 18.60 -11.68 -16.18
N LEU A 253 19.56 -12.10 -15.36
CA LEU A 253 20.58 -13.04 -15.80
C LEU A 253 20.00 -14.42 -16.10
N MET A 254 19.09 -14.87 -15.25
CA MET A 254 18.41 -16.14 -15.47
CA MET A 254 18.40 -16.14 -15.47
C MET A 254 17.59 -16.09 -16.76
N LYS A 255 16.79 -15.04 -16.89
CA LYS A 255 15.95 -14.85 -18.07
C LYS A 255 16.79 -14.85 -19.33
N TYR A 256 17.92 -14.16 -19.30
CA TYR A 256 18.80 -14.07 -20.45
C TYR A 256 19.44 -15.42 -20.78
N LEU A 257 19.80 -16.17 -19.73
CA LEU A 257 20.36 -17.50 -19.93
C LEU A 257 19.36 -18.40 -20.67
N LEU A 258 18.13 -18.45 -20.15
CA LEU A 258 17.09 -19.27 -20.76
C LEU A 258 16.77 -18.82 -22.19
N GLU A 259 16.75 -17.51 -22.39
CA GLU A 259 16.45 -16.94 -23.71
C GLU A 259 17.51 -17.32 -24.73
N GLN A 260 18.79 -17.21 -24.34
CA GLN A 260 19.89 -17.54 -25.23
C GLN A 260 19.91 -19.03 -25.54
N LEU A 261 19.63 -19.85 -24.54
CA LEU A 261 19.58 -21.30 -24.74
C LEU A 261 18.43 -21.69 -25.67
N LYS A 262 17.30 -21.03 -25.50
CA LYS A 262 16.14 -21.27 -26.37
C LYS A 262 16.44 -20.82 -27.79
N GLU A 263 17.24 -19.76 -27.91
CA GLU A 263 17.61 -19.23 -29.22
C GLU A 263 18.57 -20.18 -29.95
N ARG A 264 19.49 -20.77 -29.21
CA ARG A 264 20.45 -21.70 -29.81
C ARG A 264 19.76 -22.95 -30.37
N PHE A 265 18.74 -23.43 -29.66
CA PHE A 265 18.03 -24.64 -30.06
C PHE A 265 16.61 -24.36 -30.50
N LYS A 266 16.43 -23.34 -31.33
CA LYS A 266 15.11 -22.95 -31.82
C LYS A 266 14.52 -24.00 -32.76
N ASP A 267 15.39 -24.83 -33.34
CA ASP A 267 14.98 -25.85 -34.29
C ASP A 267 14.44 -27.11 -33.62
N LYS A 268 14.26 -27.07 -32.30
CA LYS A 268 13.73 -28.21 -31.57
C LYS A 268 12.55 -27.81 -30.69
N LYS A 269 11.61 -28.73 -30.51
CA LYS A 269 10.42 -28.45 -29.72
C LYS A 269 10.62 -28.84 -28.26
N HIS A 270 11.87 -29.10 -27.89
CA HIS A 270 12.22 -29.47 -26.52
C HIS A 270 12.07 -28.28 -25.58
N LEU A 271 12.61 -27.13 -25.99
CA LEU A 271 12.68 -25.98 -25.12
C LEU A 271 11.58 -24.96 -25.42
N ASP A 272 10.58 -25.39 -26.19
CA ASP A 272 9.48 -24.52 -26.57
C ASP A 272 8.58 -24.19 -25.39
N LYS A 273 8.43 -25.16 -24.48
CA LYS A 273 7.51 -25.03 -23.36
C LYS A 273 8.17 -24.36 -22.16
N PHE A 274 9.48 -24.15 -22.24
CA PHE A 274 10.19 -23.41 -21.20
C PHE A 274 10.15 -21.93 -21.51
N SER A 275 9.84 -21.12 -20.51
CA SER A 275 9.72 -19.68 -20.73
C SER A 275 10.11 -18.87 -19.50
N SER A 276 10.06 -17.55 -19.63
CA SER A 276 10.55 -16.65 -18.61
C SER A 276 9.77 -16.74 -17.29
N TYR A 277 8.50 -17.17 -17.36
CA TYR A 277 7.68 -17.23 -16.16
C TYR A 277 8.15 -18.33 -15.20
N HIS A 278 8.67 -19.41 -15.75
CA HIS A 278 9.25 -20.47 -14.92
C HIS A 278 10.42 -19.91 -14.14
N VAL A 279 11.30 -19.22 -14.87
CA VAL A 279 12.46 -18.54 -14.30
C VAL A 279 12.05 -17.57 -13.20
N LYS A 280 11.04 -16.76 -13.48
CA LYS A 280 10.55 -15.76 -12.52
C LYS A 280 10.00 -16.42 -11.26
N THR A 281 9.26 -17.50 -11.43
CA THR A 281 8.68 -18.22 -10.31
C THR A 281 9.77 -18.82 -9.42
N ALA A 282 10.71 -19.51 -10.05
CA ALA A 282 11.86 -20.07 -9.35
C ALA A 282 12.60 -18.97 -8.59
N PHE A 283 12.73 -17.82 -9.23
CA PHE A 283 13.40 -16.67 -8.60
C PHE A 283 12.64 -16.23 -7.35
N PHE A 284 11.31 -16.20 -7.45
CA PHE A 284 10.48 -15.84 -6.30
C PHE A 284 10.66 -16.82 -5.14
N HIS A 285 10.71 -18.10 -5.47
CA HIS A 285 10.96 -19.12 -4.45
C HIS A 285 12.32 -18.91 -3.79
N VAL A 286 13.32 -18.56 -4.59
CA VAL A 286 14.65 -18.29 -4.05
C VAL A 286 14.62 -17.07 -3.13
N CYS A 287 13.82 -16.07 -3.50
CA CYS A 287 13.64 -14.90 -2.64
C CYS A 287 13.03 -15.30 -1.31
N THR A 288 12.07 -16.22 -1.35
CA THR A 288 11.46 -16.72 -0.13
C THR A 288 12.48 -17.47 0.72
N GLN A 289 13.38 -18.20 0.07
CA GLN A 289 14.43 -18.93 0.76
C GLN A 289 15.47 -17.99 1.36
N ASN A 290 15.66 -16.84 0.74
CA ASN A 290 16.65 -15.87 1.19
C ASN A 290 16.00 -14.51 1.44
N PRO A 291 15.28 -14.38 2.57
CA PRO A 291 14.50 -13.18 2.87
C PRO A 291 15.34 -11.97 3.20
N GLN A 292 16.55 -12.18 3.70
CA GLN A 292 17.39 -11.07 4.13
C GLN A 292 18.03 -10.37 2.93
N ASP A 293 18.17 -9.05 3.04
CA ASP A 293 18.81 -8.25 2.00
C ASP A 293 20.31 -8.51 1.97
N SER A 294 20.86 -8.88 3.12
CA SER A 294 22.29 -9.20 3.23
C SER A 294 22.62 -10.46 2.44
N GLN A 295 21.60 -11.26 2.15
CA GLN A 295 21.77 -12.47 1.36
C GLN A 295 21.75 -12.15 -0.13
N TRP A 296 21.48 -10.89 -0.45
CA TRP A 296 21.46 -10.44 -1.84
C TRP A 296 22.39 -9.26 -2.02
N ASP A 297 23.51 -9.26 -1.32
CA ASP A 297 24.46 -8.17 -1.40
C ASP A 297 24.99 -8.02 -2.83
N ARG A 298 25.31 -6.80 -3.22
CA ARG A 298 25.76 -6.50 -4.58
C ARG A 298 27.00 -7.31 -4.96
N LYS A 299 28.03 -7.24 -4.13
CA LYS A 299 29.30 -7.92 -4.39
C LYS A 299 29.14 -9.44 -4.48
N ASP A 300 28.01 -9.95 -4.00
CA ASP A 300 27.77 -11.39 -4.01
C ASP A 300 26.91 -11.84 -5.19
N LEU A 301 26.77 -10.97 -6.18
CA LEU A 301 25.98 -11.29 -7.37
C LEU A 301 26.38 -12.62 -8.00
N GLY A 302 27.68 -12.91 -8.00
CA GLY A 302 28.17 -14.17 -8.52
C GLY A 302 27.60 -15.37 -7.79
N LEU A 303 27.58 -15.32 -6.47
CA LEU A 303 27.09 -16.42 -5.66
C LEU A 303 25.58 -16.58 -5.78
N CYS A 304 24.86 -15.48 -5.55
CA CYS A 304 23.40 -15.48 -5.60
C CYS A 304 22.88 -16.09 -6.89
N PHE A 305 23.39 -15.60 -8.01
CA PHE A 305 23.05 -16.14 -9.32
C PHE A 305 23.31 -17.64 -9.37
N ASP A 306 24.49 -18.04 -8.91
CA ASP A 306 24.87 -19.45 -8.88
C ASP A 306 23.87 -20.26 -8.07
N ASN A 307 23.30 -19.62 -7.05
CA ASN A 307 22.27 -20.26 -6.25
C ASN A 307 21.02 -20.49 -7.10
N CYS A 308 20.56 -19.41 -7.73
CA CYS A 308 19.32 -19.45 -8.52
C CYS A 308 19.36 -20.58 -9.54
N VAL A 309 20.37 -20.54 -10.41
CA VAL A 309 20.61 -21.60 -11.38
C VAL A 309 20.42 -22.97 -10.72
N THR A 310 21.16 -23.19 -9.63
CA THR A 310 21.11 -24.46 -8.92
C THR A 310 19.67 -24.83 -8.62
N TYR A 311 18.95 -23.91 -7.99
CA TYR A 311 17.57 -24.17 -7.60
C TYR A 311 16.74 -24.51 -8.83
N PHE A 312 16.94 -23.73 -9.90
CA PHE A 312 16.22 -23.96 -11.14
C PHE A 312 16.46 -25.39 -11.59
N LEU A 313 17.73 -25.80 -11.55
CA LEU A 313 18.10 -27.15 -11.97
C LEU A 313 17.34 -28.17 -11.13
N GLN A 314 17.22 -27.90 -9.84
CA GLN A 314 16.50 -28.78 -8.94
C GLN A 314 15.06 -28.94 -9.43
N CYS A 315 14.44 -27.82 -9.78
CA CYS A 315 13.07 -27.84 -10.27
C CYS A 315 12.98 -28.66 -11.55
N LEU A 316 14.04 -28.64 -12.35
CA LEU A 316 14.07 -29.43 -13.58
C LEU A 316 14.27 -30.90 -13.25
N ARG A 317 15.06 -31.16 -12.21
CA ARG A 317 15.44 -32.52 -11.87
C ARG A 317 14.34 -33.25 -11.10
N THR A 318 13.72 -32.55 -10.15
CA THR A 318 12.66 -33.14 -9.35
C THR A 318 11.29 -33.00 -10.03
N GLU A 319 11.29 -32.32 -11.17
CA GLU A 319 10.06 -32.04 -11.92
C GLU A 319 9.01 -31.36 -11.05
N LYS A 320 9.45 -30.39 -10.25
CA LYS A 320 8.56 -29.67 -9.36
C LYS A 320 8.83 -28.18 -9.39
N LEU A 321 7.88 -27.41 -9.92
CA LEU A 321 7.95 -25.96 -9.85
C LEU A 321 6.57 -25.42 -9.54
N GLU A 322 6.31 -25.22 -8.24
CA GLU A 322 5.01 -24.75 -7.78
C GLU A 322 4.77 -23.30 -8.17
N ASN A 323 3.56 -23.00 -8.64
CA ASN A 323 3.14 -21.64 -8.88
C ASN A 323 3.25 -20.87 -7.57
N TYR A 324 3.85 -19.68 -7.62
CA TYR A 324 4.16 -18.92 -6.41
C TYR A 324 2.89 -18.50 -5.67
N PHE A 325 1.77 -18.46 -6.37
CA PHE A 325 0.50 -18.08 -5.77
C PHE A 325 -0.39 -19.30 -5.55
N ILE A 326 -0.23 -20.30 -6.41
CA ILE A 326 -1.02 -21.52 -6.33
C ILE A 326 -0.08 -22.73 -6.12
N PRO A 327 0.23 -23.03 -4.85
CA PRO A 327 1.20 -24.06 -4.47
C PRO A 327 0.89 -25.47 -5.00
N GLU A 328 -0.38 -25.80 -5.19
CA GLU A 328 -0.73 -27.13 -5.67
C GLU A 328 -0.78 -27.20 -7.20
N PHE A 329 -0.33 -26.14 -7.85
CA PHE A 329 -0.27 -26.09 -9.31
C PHE A 329 1.18 -26.17 -9.77
N ASN A 330 1.58 -27.34 -10.28
CA ASN A 330 2.95 -27.60 -10.65
C ASN A 330 3.23 -27.26 -12.12
N LEU A 331 4.12 -26.31 -12.34
CA LEU A 331 4.46 -25.87 -13.69
C LEU A 331 5.36 -26.88 -14.41
N PHE A 332 6.04 -27.74 -13.64
CA PHE A 332 6.97 -28.70 -14.21
C PHE A 332 6.48 -30.13 -14.08
N SER A 333 5.17 -30.32 -14.06
CA SER A 333 4.60 -31.66 -13.99
C SER A 333 4.91 -32.41 -15.29
N SER A 334 4.89 -33.73 -15.22
CA SER A 334 5.19 -34.55 -16.39
C SER A 334 4.13 -34.38 -17.47
N ASN A 335 2.92 -34.02 -17.04
CA ASN A 335 1.81 -33.81 -17.96
C ASN A 335 2.02 -32.58 -18.82
N LEU A 336 2.63 -31.54 -18.25
CA LEU A 336 2.89 -30.30 -18.97
C LEU A 336 4.18 -30.41 -19.79
N ILE A 337 5.26 -30.82 -19.13
CA ILE A 337 6.55 -30.96 -19.81
C ILE A 337 7.10 -32.37 -19.58
N ASP A 338 7.56 -33.01 -20.66
CA ASP A 338 8.08 -34.36 -20.57
C ASP A 338 9.49 -34.38 -19.98
N LYS A 339 9.86 -35.52 -19.42
CA LYS A 339 11.15 -35.66 -18.73
C LYS A 339 12.34 -35.37 -19.65
N ARG A 340 12.26 -35.82 -20.90
CA ARG A 340 13.36 -35.67 -21.85
C ARG A 340 13.74 -34.20 -22.06
N SER A 341 12.75 -33.35 -22.25
CA SER A 341 12.99 -31.92 -22.49
C SER A 341 13.70 -31.29 -21.29
N LYS A 342 13.20 -31.57 -20.10
CA LYS A 342 13.79 -31.06 -18.87
C LYS A 342 15.23 -31.57 -18.68
N GLU A 343 15.47 -32.81 -19.09
CA GLU A 343 16.81 -33.38 -19.00
C GLU A 343 17.76 -32.68 -19.97
N PHE A 344 17.26 -32.37 -21.16
CA PHE A 344 18.05 -31.68 -22.17
C PHE A 344 18.42 -30.28 -21.68
N LEU A 345 17.42 -29.54 -21.22
CA LEU A 345 17.64 -28.20 -20.67
C LEU A 345 18.62 -28.25 -19.50
N THR A 346 18.47 -29.26 -18.64
CA THR A 346 19.37 -29.47 -17.52
C THR A 346 20.81 -29.63 -18.01
N LYS A 347 20.98 -30.47 -19.02
CA LYS A 347 22.29 -30.71 -19.61
C LYS A 347 22.91 -29.39 -20.11
N GLN A 348 22.13 -28.62 -20.85
CA GLN A 348 22.62 -27.37 -21.41
C GLN A 348 22.99 -26.35 -20.33
N ILE A 349 22.11 -26.16 -19.35
CA ILE A 349 22.36 -25.19 -18.29
C ILE A 349 23.58 -25.59 -17.47
N GLU A 350 23.68 -26.87 -17.14
CA GLU A 350 24.81 -27.38 -16.37
C GLU A 350 26.12 -27.16 -17.12
N TYR A 351 26.10 -27.44 -18.43
CA TYR A 351 27.28 -27.18 -19.25
C TYR A 351 27.65 -25.70 -19.19
N GLU A 352 26.65 -24.84 -19.36
CA GLU A 352 26.86 -23.40 -19.35
C GLU A 352 27.52 -22.93 -18.06
N ARG A 353 26.98 -23.35 -16.93
CA ARG A 353 27.54 -22.96 -15.63
C ARG A 353 28.94 -23.53 -15.43
N ASN A 354 29.15 -24.75 -15.91
CA ASN A 354 30.45 -25.41 -15.74
C ASN A 354 31.53 -24.79 -16.64
N ASN A 355 31.12 -24.08 -17.68
CA ASN A 355 32.08 -23.48 -18.59
C ASN A 355 32.03 -21.95 -18.63
N GLU A 356 31.72 -21.34 -17.49
CA GLU A 356 31.71 -19.89 -17.32
C GLU A 356 30.76 -19.18 -18.28
N PHE A 357 29.67 -19.85 -18.63
CA PHE A 357 28.60 -19.27 -19.45
C PHE A 357 29.06 -18.65 -20.77
N PRO A 358 29.49 -19.49 -21.72
CA PRO A 358 29.91 -19.01 -23.05
C PRO A 358 28.73 -18.49 -23.89
N VAL A 359 27.51 -18.76 -23.44
CA VAL A 359 26.31 -18.35 -24.17
C VAL A 359 26.04 -16.86 -23.96
N PHE A 360 26.78 -16.25 -23.04
CA PHE A 360 26.63 -14.82 -22.79
C PHE A 360 27.58 -14.00 -23.65
N ASP A 361 28.37 -14.69 -24.47
CA ASP A 361 29.32 -14.05 -25.37
C ASP A 361 28.66 -13.62 -26.68
N GLU A 362 29.06 -12.48 -27.20
CA GLU A 362 28.52 -11.97 -28.46
C GLU A 362 29.46 -10.93 -29.07
N MET B 1 17.18 6.99 33.65
CA MET B 1 15.96 6.25 33.96
C MET B 1 16.12 4.77 33.61
N GLY B 2 15.80 3.91 34.57
CA GLY B 2 15.86 2.47 34.33
C GLY B 2 14.79 1.96 33.39
N ALA B 3 15.16 0.99 32.57
CA ALA B 3 14.26 0.42 31.58
C ALA B 3 13.14 -0.40 32.21
N SER B 4 13.47 -1.09 33.32
CA SER B 4 12.52 -1.99 33.97
C SER B 4 11.34 -1.25 34.58
N LYS B 5 11.56 -0.03 35.04
CA LYS B 5 10.46 0.78 35.55
C LYS B 5 9.51 1.13 34.42
N LEU B 6 10.08 1.53 33.28
CA LEU B 6 9.29 1.89 32.10
C LEU B 6 8.47 0.71 31.60
N ARG B 7 9.10 -0.46 31.51
CA ARG B 7 8.39 -1.66 31.06
C ARG B 7 7.36 -2.12 32.09
N ALA B 8 7.61 -1.81 33.36
CA ALA B 8 6.64 -2.10 34.41
C ALA B 8 5.41 -1.22 34.23
N VAL B 9 5.65 0.04 33.87
CA VAL B 9 4.59 0.99 33.58
C VAL B 9 3.76 0.49 32.40
N LEU B 10 4.44 0.10 31.32
CA LEU B 10 3.77 -0.38 30.12
C LEU B 10 2.94 -1.62 30.42
N GLU B 11 3.51 -2.53 31.21
CA GLU B 11 2.83 -3.75 31.62
C GLU B 11 1.58 -3.43 32.42
N LYS B 12 1.66 -2.41 33.28
CA LYS B 12 0.51 -1.94 34.03
C LYS B 12 -0.53 -1.31 33.10
N LEU B 13 -0.06 -0.69 32.02
CA LEU B 13 -0.92 -0.02 31.06
C LEU B 13 -1.68 -0.99 30.17
N LYS B 14 -1.12 -2.17 29.93
CA LYS B 14 -1.78 -3.12 29.04
C LYS B 14 -3.03 -3.74 29.66
N LEU B 15 -3.30 -3.43 30.92
CA LEU B 15 -4.45 -4.01 31.60
C LEU B 15 -5.76 -3.28 31.30
N SER B 16 -5.72 -2.35 30.35
CA SER B 16 -6.92 -1.58 30.01
C SER B 16 -7.46 -1.94 28.64
N ARG B 17 -6.79 -2.87 27.97
CA ARG B 17 -7.15 -3.27 26.61
C ARG B 17 -8.58 -3.76 26.51
N ASP B 18 -9.00 -4.59 27.45
CA ASP B 18 -10.32 -5.20 27.41
C ASP B 18 -11.45 -4.19 27.60
N ASP B 19 -11.23 -3.20 28.45
CA ASP B 19 -12.30 -2.24 28.72
C ASP B 19 -12.34 -1.17 27.63
N ILE B 20 -11.15 -0.76 27.16
CA ILE B 20 -11.04 0.20 26.08
C ILE B 20 -11.72 -0.37 24.84
N SER B 21 -11.43 -1.64 24.58
CA SER B 21 -12.00 -2.36 23.44
C SER B 21 -13.51 -2.55 23.62
N THR B 22 -13.91 -2.93 24.83
CA THR B 22 -15.32 -3.16 25.14
C THR B 22 -16.14 -1.90 24.87
N ALA B 23 -15.60 -0.75 25.26
CA ALA B 23 -16.27 0.51 25.02
C ALA B 23 -16.26 0.87 23.53
N ALA B 24 -15.09 0.69 22.92
CA ALA B 24 -14.91 0.99 21.49
C ALA B 24 -15.89 0.21 20.63
N GLY B 25 -16.28 -0.96 21.09
CA GLY B 25 -17.26 -1.77 20.37
C GLY B 25 -18.62 -1.13 20.23
N MET B 26 -19.23 -0.76 21.35
CA MET B 26 -20.55 -0.14 21.33
CA MET B 26 -20.55 -0.14 21.33
C MET B 26 -20.47 1.27 20.75
N VAL B 27 -19.33 1.92 20.94
CA VAL B 27 -19.11 3.22 20.30
C VAL B 27 -19.20 3.01 18.79
N LYS B 28 -18.54 1.96 18.32
CA LYS B 28 -18.55 1.60 16.91
C LYS B 28 -19.96 1.31 16.42
N GLY B 29 -20.74 0.60 17.23
CA GLY B 29 -22.12 0.32 16.89
C GLY B 29 -22.97 1.57 16.70
N VAL B 30 -22.92 2.45 17.70
CA VAL B 30 -23.66 3.70 17.66
C VAL B 30 -23.25 4.55 16.46
N VAL B 31 -21.94 4.66 16.25
CA VAL B 31 -21.41 5.43 15.13
C VAL B 31 -21.87 4.86 13.80
N ASP B 32 -21.83 3.53 13.67
CA ASP B 32 -22.26 2.87 12.44
C ASP B 32 -23.74 3.15 12.15
N HIS B 33 -24.58 3.08 13.19
CA HIS B 33 -25.99 3.36 13.03
C HIS B 33 -26.22 4.81 12.60
N LEU B 34 -25.53 5.72 13.27
CA LEU B 34 -25.61 7.15 12.97
C LEU B 34 -25.17 7.42 11.54
N LEU B 35 -24.21 6.65 11.05
CA LEU B 35 -23.76 6.76 9.68
C LEU B 35 -24.85 6.27 8.72
N LEU B 36 -25.43 5.12 9.04
CA LEU B 36 -26.49 4.54 8.21
C LEU B 36 -27.65 5.51 8.03
N ARG B 37 -28.09 6.12 9.12
CA ARG B 37 -29.20 7.06 9.03
C ARG B 37 -28.76 8.40 8.43
N LEU B 38 -27.52 8.77 8.71
CA LEU B 38 -26.98 10.06 8.29
C LEU B 38 -26.74 10.08 6.78
N LYS B 39 -26.64 8.91 6.18
CA LYS B 39 -26.43 8.80 4.74
C LYS B 39 -27.67 9.22 3.95
N CYS B 40 -28.82 9.27 4.64
CA CYS B 40 -30.09 9.55 4.00
C CYS B 40 -30.21 10.99 3.52
N ASP B 41 -29.46 11.90 4.12
CA ASP B 41 -29.53 13.31 3.75
C ASP B 41 -28.83 13.54 2.41
N SER B 42 -29.26 14.59 1.71
CA SER B 42 -28.71 14.89 0.39
C SER B 42 -27.28 15.42 0.46
N ALA B 43 -27.03 16.30 1.43
CA ALA B 43 -25.71 16.91 1.58
C ALA B 43 -24.68 15.93 2.10
N PHE B 44 -25.07 15.12 3.08
CA PHE B 44 -24.17 14.15 3.70
C PHE B 44 -24.36 12.76 3.11
N ARG B 45 -24.50 12.69 1.79
CA ARG B 45 -24.72 11.41 1.12
C ARG B 45 -23.47 10.55 1.10
N GLY B 46 -22.35 11.14 0.70
CA GLY B 46 -21.10 10.42 0.61
C GLY B 46 -20.31 10.39 1.90
N VAL B 47 -21.02 10.47 3.02
CA VAL B 47 -20.38 10.46 4.33
C VAL B 47 -19.89 9.04 4.63
N GLY B 48 -18.80 8.96 5.39
CA GLY B 48 -18.23 7.68 5.75
C GLY B 48 -17.42 7.78 7.02
N LEU B 49 -17.01 6.64 7.57
CA LEU B 49 -16.21 6.67 8.79
C LEU B 49 -14.71 6.64 8.50
N LEU B 50 -14.04 7.73 8.84
CA LEU B 50 -12.59 7.79 8.74
C LEU B 50 -12.02 7.05 9.95
N ASN B 51 -11.67 5.79 9.76
CA ASN B 51 -11.20 4.96 10.86
C ASN B 51 -9.84 5.40 11.41
N THR B 52 -9.83 6.59 12.04
CA THR B 52 -8.63 7.11 12.68
C THR B 52 -8.79 7.17 14.20
N GLY B 53 -7.93 7.95 14.84
CA GLY B 53 -7.98 8.08 16.29
C GLY B 53 -6.87 7.34 17.00
N SER B 54 -6.77 7.51 18.31
CA SER B 54 -5.69 6.90 19.07
C SER B 54 -5.99 5.45 19.43
N TYR B 55 -7.08 4.92 18.91
CA TYR B 55 -7.47 3.53 19.18
C TYR B 55 -7.03 2.58 18.07
N TYR B 56 -7.13 3.04 16.83
CA TYR B 56 -6.73 2.21 15.71
C TYR B 56 -5.25 2.40 15.45
N GLU B 57 -4.64 3.31 16.20
CA GLU B 57 -3.19 3.47 16.20
C GLU B 57 -2.64 2.66 17.37
N HIS B 58 -3.53 1.98 18.08
CA HIS B 58 -3.20 1.12 19.22
C HIS B 58 -2.46 1.85 20.36
N VAL B 59 -2.55 3.17 20.37
CA VAL B 59 -1.84 3.97 21.36
C VAL B 59 -2.70 4.31 22.58
N LYS B 60 -4.00 4.41 22.39
CA LYS B 60 -4.95 4.70 23.48
CA LYS B 60 -4.93 4.71 23.48
C LYS B 60 -4.64 3.84 24.71
N ILE B 61 -4.09 4.48 25.75
CA ILE B 61 -3.67 3.77 26.95
C ILE B 61 -4.61 3.98 28.12
N SER B 62 -5.33 5.10 28.11
CA SER B 62 -6.20 5.44 29.23
C SER B 62 -7.54 6.00 28.76
N ALA B 63 -8.40 6.30 29.74
CA ALA B 63 -9.71 6.88 29.50
C ALA B 63 -10.55 6.03 28.55
N PRO B 64 -11.21 4.99 29.08
CA PRO B 64 -12.06 4.13 28.26
C PRO B 64 -13.42 4.76 27.99
N ASN B 65 -13.73 5.84 28.70
CA ASN B 65 -15.01 6.50 28.56
C ASN B 65 -14.96 7.61 27.52
N GLU B 66 -13.77 8.02 27.12
CA GLU B 66 -13.63 9.10 26.15
C GLU B 66 -13.09 8.59 24.82
N PHE B 67 -13.89 8.74 23.77
CA PHE B 67 -13.48 8.34 22.43
C PHE B 67 -13.55 9.49 21.44
N ASP B 68 -12.82 9.35 20.33
CA ASP B 68 -12.85 10.35 19.27
C ASP B 68 -13.01 9.68 17.91
N VAL B 69 -14.13 9.95 17.24
CA VAL B 69 -14.38 9.40 15.93
C VAL B 69 -14.42 10.55 14.92
N MET B 70 -14.13 10.23 13.65
CA MET B 70 -14.09 11.24 12.61
C MET B 70 -14.88 10.81 11.39
N PHE B 71 -15.80 11.66 10.94
CA PHE B 71 -16.61 11.37 9.76
C PHE B 71 -16.04 12.09 8.54
N LYS B 72 -15.65 11.32 7.53
CA LYS B 72 -15.13 11.90 6.29
C LYS B 72 -16.27 12.14 5.32
N LEU B 73 -16.12 13.16 4.48
CA LEU B 73 -17.11 13.47 3.45
C LEU B 73 -16.42 13.83 2.14
N GLU B 74 -16.67 13.04 1.11
CA GLU B 74 -16.06 13.26 -0.19
C GLU B 74 -16.59 14.53 -0.85
N VAL B 75 -15.72 15.52 -0.99
CA VAL B 75 -16.09 16.78 -1.63
C VAL B 75 -15.24 16.96 -2.89
N PRO B 76 -15.76 16.49 -4.03
CA PRO B 76 -15.03 16.48 -5.31
C PRO B 76 -14.80 17.86 -5.91
N ARG B 77 -13.63 18.04 -6.51
CA ARG B 77 -13.25 19.27 -7.20
C ARG B 77 -13.36 20.51 -6.30
N ILE B 78 -12.36 20.71 -5.46
CA ILE B 78 -12.34 21.87 -4.58
C ILE B 78 -11.14 22.76 -4.89
N GLN B 79 -11.31 24.07 -4.68
CA GLN B 79 -10.21 25.02 -4.85
C GLN B 79 -9.94 25.73 -3.54
N LEU B 80 -8.83 25.39 -2.90
CA LEU B 80 -8.45 25.97 -1.63
C LEU B 80 -7.81 27.35 -1.78
N GLU B 81 -8.09 28.23 -0.84
CA GLU B 81 -7.48 29.55 -0.82
C GLU B 81 -6.84 29.81 0.53
N GLU B 82 -5.51 29.91 0.54
CA GLU B 82 -4.76 30.06 1.79
C GLU B 82 -5.17 31.33 2.53
N TYR B 83 -5.36 31.20 3.84
CA TYR B 83 -5.80 32.30 4.67
C TYR B 83 -4.63 32.93 5.43
N SER B 84 -4.29 34.16 5.06
CA SER B 84 -3.28 34.97 5.75
C SER B 84 -1.94 34.26 5.90
N ASN B 85 -1.59 33.42 4.92
CA ASN B 85 -0.32 32.70 4.92
C ASN B 85 -0.12 31.86 6.18
N THR B 86 -1.21 31.29 6.69
CA THR B 86 -1.15 30.44 7.88
C THR B 86 -0.71 29.02 7.53
N ARG B 87 -0.65 28.72 6.24
CA ARG B 87 -0.13 27.46 5.71
C ARG B 87 -0.97 26.23 6.07
N ALA B 88 -1.88 26.37 7.04
CA ALA B 88 -2.66 25.23 7.50
C ALA B 88 -4.16 25.46 7.35
N TYR B 89 -4.57 26.72 7.36
CA TYR B 89 -5.99 27.05 7.26
C TYR B 89 -6.34 27.57 5.88
N TYR B 90 -7.45 27.09 5.34
CA TYR B 90 -7.84 27.41 3.97
C TYR B 90 -9.33 27.69 3.83
N PHE B 91 -9.68 28.48 2.81
CA PHE B 91 -11.05 28.65 2.39
C PHE B 91 -11.37 27.61 1.33
N VAL B 92 -12.55 26.99 1.42
CA VAL B 92 -12.94 25.96 0.47
C VAL B 92 -13.84 26.52 -0.62
N LYS B 93 -13.36 26.49 -1.86
CA LYS B 93 -14.17 26.92 -3.00
C LYS B 93 -14.44 25.74 -3.92
N PHE B 94 -15.22 25.98 -4.98
CA PHE B 94 -15.59 24.94 -5.92
C PHE B 94 -15.32 25.35 -7.36
N LYS B 95 -14.73 24.44 -8.13
CA LYS B 95 -14.43 24.71 -9.54
C LYS B 95 -15.52 24.12 -10.44
N GLU B 100 -24.04 21.52 -10.44
CA GLU B 100 -24.64 20.54 -9.54
C GLU B 100 -23.79 20.34 -8.30
N ASN B 101 -24.19 20.96 -7.19
CA ASN B 101 -23.44 20.88 -5.95
C ASN B 101 -24.36 20.57 -4.78
N PRO B 102 -24.16 19.42 -4.14
CA PRO B 102 -24.95 18.99 -2.97
C PRO B 102 -24.80 19.90 -1.77
N LEU B 103 -23.71 20.67 -1.73
CA LEU B 103 -23.43 21.56 -0.62
C LEU B 103 -23.69 23.02 -0.98
N SER B 104 -24.55 23.25 -1.96
CA SER B 104 -24.85 24.60 -2.42
C SER B 104 -25.62 25.39 -1.36
N GLN B 105 -26.35 24.67 -0.51
CA GLN B 105 -27.12 25.30 0.55
C GLN B 105 -26.22 25.85 1.64
N PHE B 106 -24.99 25.35 1.69
CA PHE B 106 -24.03 25.77 2.71
C PHE B 106 -23.05 26.80 2.16
N LEU B 107 -23.29 27.24 0.93
CA LEU B 107 -22.45 28.26 0.31
C LEU B 107 -22.81 29.66 0.79
N GLU B 108 -21.88 30.30 1.50
CA GLU B 108 -22.05 31.69 1.89
C GLU B 108 -21.31 32.57 0.90
N GLY B 109 -21.88 32.71 -0.29
CA GLY B 109 -21.23 33.42 -1.38
C GLY B 109 -20.47 32.48 -2.28
N GLU B 110 -19.15 32.56 -2.24
CA GLU B 110 -18.30 31.69 -3.02
C GLU B 110 -17.54 30.73 -2.10
N ILE B 111 -17.50 31.08 -0.82
CA ILE B 111 -16.79 30.29 0.18
C ILE B 111 -17.76 29.36 0.91
N LEU B 112 -17.39 28.10 1.04
CA LEU B 112 -18.18 27.12 1.77
C LEU B 112 -18.22 27.42 3.27
N SER B 113 -19.40 27.70 3.79
CA SER B 113 -19.56 28.00 5.21
C SER B 113 -19.43 26.75 6.07
N ALA B 114 -18.56 26.83 7.07
CA ALA B 114 -18.34 25.71 7.99
C ALA B 114 -19.44 25.68 9.05
N SER B 115 -19.92 26.87 9.42
CA SER B 115 -20.93 27.00 10.46
C SER B 115 -22.25 26.37 10.03
N LYS B 116 -22.61 26.56 8.76
CA LYS B 116 -23.84 26.01 8.23
C LYS B 116 -23.78 24.48 8.17
N MET B 117 -22.64 23.96 7.71
CA MET B 117 -22.45 22.51 7.65
C MET B 117 -22.49 21.90 9.04
N LEU B 118 -21.89 22.60 10.00
CA LEU B 118 -21.87 22.13 11.38
C LEU B 118 -23.26 22.18 11.99
N SER B 119 -24.05 23.17 11.58
CA SER B 119 -25.41 23.32 12.08
C SER B 119 -26.33 22.23 11.54
N LYS B 120 -26.23 21.96 10.24
CA LYS B 120 -27.03 20.91 9.63
C LYS B 120 -26.61 19.54 10.15
N PHE B 121 -25.31 19.35 10.27
CA PHE B 121 -24.72 18.13 10.80
C PHE B 121 -25.24 17.82 12.21
N ARG B 122 -25.01 18.78 13.11
CA ARG B 122 -25.42 18.64 14.51
C ARG B 122 -26.93 18.53 14.63
N LYS B 123 -27.65 19.16 13.71
CA LYS B 123 -29.11 19.13 13.73
C LYS B 123 -29.62 17.74 13.35
N ILE B 124 -29.01 17.16 12.33
CA ILE B 124 -29.39 15.82 11.89
C ILE B 124 -29.06 14.81 12.98
N ILE B 125 -27.87 14.93 13.56
CA ILE B 125 -27.47 14.00 14.61
C ILE B 125 -28.37 14.12 15.83
N LYS B 126 -28.70 15.35 16.23
CA LYS B 126 -29.54 15.55 17.40
C LYS B 126 -30.98 15.12 17.13
N GLU B 127 -31.37 15.14 15.85
CA GLU B 127 -32.67 14.64 15.45
C GLU B 127 -32.70 13.12 15.43
N GLU B 128 -31.53 12.51 15.24
CA GLU B 128 -31.44 11.06 15.12
C GLU B 128 -31.18 10.33 16.45
N ILE B 129 -30.53 11.01 17.39
CA ILE B 129 -30.22 10.40 18.68
C ILE B 129 -31.47 10.18 19.52
N ASN B 130 -32.58 10.81 19.11
CA ASN B 130 -33.84 10.69 19.85
C ASN B 130 -34.42 9.27 19.79
N ASP B 131 -34.10 8.53 18.74
CA ASP B 131 -34.62 7.18 18.57
C ASP B 131 -33.52 6.15 18.33
N ILE B 132 -32.66 5.94 19.33
CA ILE B 132 -31.61 4.94 19.25
C ILE B 132 -31.61 4.08 20.51
N ASP B 136 -29.44 4.46 24.09
CA ASP B 136 -29.28 5.38 25.21
C ASP B 136 -28.25 6.46 24.90
N VAL B 137 -28.27 6.95 23.66
CA VAL B 137 -27.33 7.98 23.23
C VAL B 137 -27.92 9.37 23.42
N ILE B 138 -27.19 10.24 24.11
CA ILE B 138 -27.68 11.57 24.41
C ILE B 138 -26.62 12.63 24.05
N MET B 139 -26.98 13.56 23.17
CA MET B 139 -26.05 14.60 22.75
C MET B 139 -25.84 15.66 23.84
N LYS B 140 -24.59 16.10 23.98
CA LYS B 140 -24.26 17.16 24.93
C LYS B 140 -24.19 18.50 24.20
N ARG B 141 -24.37 19.59 24.95
CA ARG B 141 -24.35 20.93 24.38
C ARG B 141 -22.94 21.34 24.00
N PRO B 147 -16.60 22.95 17.03
CA PRO B 147 -15.99 22.14 15.96
C PRO B 147 -16.38 20.67 16.04
N ALA B 148 -16.55 20.15 17.26
CA ALA B 148 -16.91 18.76 17.44
C ALA B 148 -18.36 18.60 17.91
N VAL B 149 -18.86 17.38 17.84
CA VAL B 149 -20.20 17.04 18.31
C VAL B 149 -20.11 15.89 19.30
N THR B 150 -20.41 16.16 20.57
CA THR B 150 -20.22 15.17 21.62
C THR B 150 -21.48 14.35 21.89
N LEU B 151 -21.30 13.03 22.02
CA LEU B 151 -22.40 12.13 22.35
C LEU B 151 -22.13 11.39 23.65
N LEU B 152 -23.20 10.93 24.29
CA LEU B 152 -23.11 10.23 25.56
C LEU B 152 -23.80 8.87 25.46
N ILE B 153 -23.00 7.82 25.40
CA ILE B 153 -23.49 6.45 25.28
C ILE B 153 -23.63 5.81 26.65
N SER B 154 -24.83 5.31 26.95
CA SER B 154 -25.14 4.61 28.19
C SER B 154 -24.83 5.47 29.41
N GLU B 155 -24.96 6.79 29.26
CA GLU B 155 -24.70 7.74 30.34
C GLU B 155 -23.30 7.56 30.93
N LYS B 156 -22.37 7.14 30.09
CA LYS B 156 -21.01 6.82 30.55
C LYS B 156 -19.94 7.23 29.54
N ILE B 157 -20.04 6.70 28.33
CA ILE B 157 -19.01 6.91 27.32
C ILE B 157 -19.21 8.21 26.57
N SER B 158 -18.16 9.02 26.44
CA SER B 158 -18.24 10.26 25.69
C SER B 158 -17.56 10.12 24.34
N VAL B 159 -18.27 10.51 23.28
CA VAL B 159 -17.73 10.37 21.92
C VAL B 159 -17.70 11.71 21.20
N ASP B 160 -16.49 12.18 20.87
CA ASP B 160 -16.33 13.41 20.11
C ASP B 160 -16.32 13.12 18.62
N ILE B 161 -17.30 13.66 17.90
CA ILE B 161 -17.41 13.45 16.47
C ILE B 161 -16.92 14.68 15.70
N THR B 162 -16.05 14.44 14.72
CA THR B 162 -15.51 15.53 13.91
C THR B 162 -15.83 15.33 12.44
N LEU B 163 -16.38 16.36 11.81
CA LEU B 163 -16.64 16.32 10.38
C LEU B 163 -15.41 16.78 9.60
N ALA B 164 -15.06 16.03 8.56
CA ALA B 164 -13.89 16.37 7.76
C ALA B 164 -14.17 16.20 6.26
N LEU B 165 -13.82 17.22 5.49
CA LEU B 165 -13.94 17.16 4.04
C LEU B 165 -12.77 16.40 3.46
N GLU B 166 -13.06 15.54 2.48
CA GLU B 166 -12.01 14.77 1.82
C GLU B 166 -11.71 15.30 0.43
N SER B 167 -10.44 15.50 0.14
CA SER B 167 -10.02 15.95 -1.18
C SER B 167 -8.99 14.98 -1.76
N LYS B 168 -9.31 14.42 -2.93
CA LYS B 168 -8.44 13.47 -3.59
C LYS B 168 -7.44 14.17 -4.50
N SER B 169 -7.41 15.49 -4.42
CA SER B 169 -6.44 16.27 -5.18
C SER B 169 -5.05 16.12 -4.56
N SER B 170 -4.04 16.69 -5.22
CA SER B 170 -2.69 16.67 -4.68
C SER B 170 -2.62 17.58 -3.47
N TRP B 171 -1.72 17.26 -2.54
CA TRP B 171 -1.62 18.01 -1.29
C TRP B 171 -1.14 19.44 -1.57
N PRO B 172 -1.61 20.40 -0.75
CA PRO B 172 -1.23 21.81 -0.87
C PRO B 172 0.29 22.02 -0.80
N ALA B 173 0.74 23.18 -1.29
CA ALA B 173 2.16 23.47 -1.39
C ALA B 173 2.83 23.58 -0.02
N SER B 174 2.04 23.83 1.01
CA SER B 174 2.59 24.02 2.36
C SER B 174 3.11 22.72 2.94
N THR B 175 2.77 21.60 2.31
CA THR B 175 3.20 20.28 2.77
C THR B 175 4.34 19.75 1.90
N GLN B 176 4.89 20.60 1.05
CA GLN B 176 5.93 20.19 0.11
C GLN B 176 7.18 19.68 0.82
N GLU B 177 7.60 20.40 1.85
CA GLU B 177 8.81 20.05 2.58
C GLU B 177 8.49 19.28 3.86
N GLY B 178 7.24 18.82 3.96
CA GLY B 178 6.81 18.05 5.11
C GLY B 178 6.95 16.57 4.91
N LEU B 179 6.57 15.79 5.93
CA LEU B 179 6.61 14.33 5.88
C LEU B 179 8.00 13.81 5.53
N ARG B 180 9.00 14.20 6.32
CA ARG B 180 10.37 13.78 6.08
C ARG B 180 10.59 12.34 6.53
N ILE B 181 10.22 11.38 5.69
CA ILE B 181 10.32 9.97 6.01
C ILE B 181 11.21 9.23 5.01
N GLN B 182 11.90 9.98 4.17
CA GLN B 182 12.70 9.40 3.10
C GLN B 182 13.81 8.50 3.63
N ASN B 183 14.51 8.94 4.67
CA ASN B 183 15.59 8.14 5.25
C ASN B 183 15.05 7.12 6.23
N TRP B 184 13.77 7.27 6.57
CA TRP B 184 13.12 6.40 7.55
C TRP B 184 12.30 5.32 6.85
N LEU B 185 11.23 5.73 6.18
CA LEU B 185 10.31 4.79 5.55
C LEU B 185 10.45 4.75 4.02
N SER B 186 11.53 5.36 3.52
CA SER B 186 11.87 5.42 2.09
C SER B 186 11.02 6.44 1.33
N ALA B 187 11.56 6.89 0.20
CA ALA B 187 10.90 7.89 -0.64
C ALA B 187 9.71 7.31 -1.39
N LYS B 188 9.77 6.00 -1.67
CA LYS B 188 8.69 5.30 -2.35
C LYS B 188 7.40 5.39 -1.55
N VAL B 189 7.51 5.11 -0.25
CA VAL B 189 6.36 5.15 0.64
C VAL B 189 5.84 6.57 0.75
N ARG B 190 6.73 7.55 0.77
CA ARG B 190 6.31 8.94 0.83
C ARG B 190 5.51 9.30 -0.43
N LYS B 191 5.98 8.81 -1.57
CA LYS B 191 5.28 9.03 -2.83
C LYS B 191 3.88 8.41 -2.82
N GLN B 192 3.78 7.15 -2.39
CA GLN B 192 2.49 6.48 -2.40
C GLN B 192 1.54 7.09 -1.35
N LEU B 193 2.11 7.66 -0.29
CA LEU B 193 1.31 8.29 0.76
C LEU B 193 0.76 9.63 0.30
N ARG B 194 1.59 10.41 -0.40
CA ARG B 194 1.17 11.73 -0.87
C ARG B 194 0.14 11.62 -1.99
N LEU B 195 -0.02 10.43 -2.55
CA LEU B 195 -1.04 10.19 -3.57
C LEU B 195 -2.41 10.01 -2.92
N LYS B 196 -2.41 9.64 -1.64
CA LYS B 196 -3.63 9.48 -0.87
C LYS B 196 -4.29 10.84 -0.64
N PRO B 197 -5.61 10.86 -0.42
CA PRO B 197 -6.33 12.14 -0.21
C PRO B 197 -5.93 12.85 1.07
N PHE B 198 -6.28 14.13 1.18
CA PHE B 198 -6.05 14.88 2.41
C PHE B 198 -7.39 15.40 2.94
N TYR B 199 -7.42 15.80 4.20
CA TYR B 199 -8.70 16.18 4.80
C TYR B 199 -8.72 17.61 5.31
N LEU B 200 -9.91 18.10 5.63
CA LEU B 200 -10.11 19.47 6.10
C LEU B 200 -11.13 19.51 7.23
N VAL B 201 -10.74 19.99 8.39
CA VAL B 201 -11.67 20.09 9.52
C VAL B 201 -12.02 21.55 9.80
N PRO B 202 -13.26 21.81 10.20
CA PRO B 202 -13.68 23.19 10.53
C PRO B 202 -12.98 23.69 11.79
N LYS B 203 -12.12 24.68 11.64
CA LYS B 203 -11.37 25.22 12.77
C LYS B 203 -10.92 26.66 12.50
N HIS B 204 -11.11 27.52 13.49
CA HIS B 204 -10.71 28.92 13.39
C HIS B 204 -9.21 29.07 13.66
N ALA B 205 -8.63 30.14 13.14
CA ALA B 205 -7.21 30.41 13.37
C ALA B 205 -7.01 31.43 14.50
N GLU B 213 -12.52 34.16 9.57
CA GLU B 213 -13.31 33.04 10.07
C GLU B 213 -13.77 32.14 8.93
N GLU B 214 -14.52 31.09 9.27
CA GLU B 214 -15.04 30.13 8.30
C GLU B 214 -13.91 29.48 7.50
N THR B 215 -12.88 29.02 8.20
CA THR B 215 -11.73 28.40 7.55
C THR B 215 -11.66 26.91 7.85
N TRP B 216 -10.85 26.19 7.08
CA TRP B 216 -10.67 24.75 7.28
C TRP B 216 -9.18 24.42 7.41
N ARG B 217 -8.85 23.55 8.36
CA ARG B 217 -7.48 23.17 8.61
C ARG B 217 -7.16 21.81 8.01
N LEU B 218 -5.97 21.67 7.44
CA LEU B 218 -5.53 20.41 6.86
C LEU B 218 -5.44 19.32 7.92
N SER B 219 -5.73 18.09 7.51
CA SER B 219 -5.70 16.95 8.42
C SER B 219 -5.22 15.71 7.67
N PHE B 220 -4.30 14.99 8.30
CA PHE B 220 -3.71 13.78 7.71
C PHE B 220 -3.71 12.64 8.73
N SER B 221 -4.82 12.48 9.45
CA SER B 221 -4.92 11.47 10.50
C SER B 221 -4.69 10.06 9.96
N HIS B 222 -5.20 9.80 8.76
CA HIS B 222 -5.03 8.49 8.14
C HIS B 222 -3.56 8.19 7.86
N ILE B 223 -2.81 9.21 7.48
CA ILE B 223 -1.39 9.07 7.23
C ILE B 223 -0.66 8.77 8.54
N GLU B 224 -1.07 9.45 9.61
CA GLU B 224 -0.48 9.24 10.93
C GLU B 224 -0.72 7.80 11.40
N LYS B 225 -1.96 7.33 11.21
CA LYS B 225 -2.30 5.94 11.52
C LYS B 225 -1.45 4.96 10.73
N GLU B 226 -1.31 5.24 9.43
CA GLU B 226 -0.55 4.37 8.55
C GLU B 226 0.91 4.27 8.97
N ILE B 227 1.50 5.42 9.28
CA ILE B 227 2.91 5.48 9.66
C ILE B 227 3.12 4.86 11.05
N LEU B 228 2.12 4.97 11.91
CA LEU B 228 2.21 4.39 13.24
C LEU B 228 2.11 2.88 13.22
N ASN B 229 1.25 2.35 12.34
CA ASN B 229 1.05 0.91 12.27
C ASN B 229 2.11 0.24 11.38
N ASN B 230 2.86 1.04 10.64
CA ASN B 230 3.96 0.54 9.82
C ASN B 230 5.16 1.45 10.03
N HIS B 231 5.82 1.28 11.18
CA HIS B 231 6.73 2.30 11.71
C HIS B 231 8.21 2.00 11.52
N GLY B 232 8.53 0.78 11.09
CA GLY B 232 9.93 0.39 10.97
C GLY B 232 10.55 0.62 9.62
N LYS B 233 11.89 0.68 9.59
CA LYS B 233 12.60 0.71 8.32
C LYS B 233 12.48 -0.67 7.67
N SER B 234 12.58 -1.70 8.50
CA SER B 234 12.33 -3.06 8.05
C SER B 234 10.83 -3.29 7.95
N LYS B 235 10.39 -3.98 6.90
CA LYS B 235 8.98 -4.25 6.72
C LYS B 235 8.48 -5.23 7.77
N THR B 236 9.39 -6.06 8.28
CA THR B 236 9.05 -7.07 9.27
C THR B 236 9.32 -6.59 10.70
N CYS B 237 9.44 -5.28 10.86
CA CYS B 237 9.69 -4.71 12.19
C CYS B 237 8.54 -5.03 13.13
N CYS B 238 8.89 -5.51 14.32
CA CYS B 238 7.92 -5.94 15.34
C CYS B 238 7.03 -7.08 14.82
N GLU B 239 7.63 -7.99 14.05
CA GLU B 239 6.90 -9.18 13.59
C GLU B 239 7.61 -10.45 14.03
N ASN B 240 8.79 -10.28 14.62
CA ASN B 240 9.54 -11.41 15.18
C ASN B 240 10.31 -10.96 16.42
N LYS B 241 10.84 -11.92 17.16
CA LYS B 241 11.53 -11.64 18.42
C LYS B 241 12.83 -10.86 18.21
N GLU B 242 13.45 -11.03 17.05
CA GLU B 242 14.74 -10.40 16.77
C GLU B 242 14.60 -8.98 16.25
N GLU B 243 13.38 -8.60 15.87
CA GLU B 243 13.14 -7.28 15.28
C GLU B 243 12.09 -6.48 16.02
N LYS B 244 12.07 -6.58 17.34
CA LYS B 244 11.13 -5.79 18.14
C LYS B 244 11.76 -4.47 18.58
N CYS B 245 11.13 -3.36 18.19
CA CYS B 245 11.62 -2.04 18.56
C CYS B 245 10.75 -1.44 19.66
N CYS B 246 11.05 -0.21 20.05
CA CYS B 246 10.33 0.43 21.16
C CYS B 246 9.76 1.78 20.79
N ARG B 247 9.35 1.96 19.54
CA ARG B 247 8.76 3.22 19.09
C ARG B 247 7.41 3.46 19.76
N LYS B 248 6.51 2.51 19.60
CA LYS B 248 5.16 2.60 20.17
C LYS B 248 5.21 2.69 21.68
N ASP B 249 6.15 1.98 22.30
CA ASP B 249 6.32 2.01 23.75
C ASP B 249 6.72 3.40 24.21
N CYS B 250 7.60 4.05 23.44
CA CYS B 250 8.03 5.40 23.73
C CYS B 250 6.87 6.38 23.61
N LEU B 251 6.09 6.23 22.53
CA LEU B 251 4.93 7.08 22.32
C LEU B 251 3.95 6.95 23.48
N LYS B 252 3.68 5.71 23.87
CA LYS B 252 2.77 5.43 24.99
C LYS B 252 3.30 6.04 26.29
N LEU B 253 4.61 5.97 26.49
CA LEU B 253 5.23 6.51 27.70
C LEU B 253 5.12 8.04 27.75
N MET B 254 5.34 8.68 26.61
CA MET B 254 5.19 10.13 26.52
C MET B 254 3.75 10.55 26.78
N LYS B 255 2.82 9.88 26.10
CA LYS B 255 1.39 10.14 26.29
C LYS B 255 0.98 9.98 27.74
N TYR B 256 1.46 8.92 28.38
CA TYR B 256 1.12 8.63 29.77
C TYR B 256 1.71 9.68 30.70
N LEU B 257 2.93 10.11 30.40
CA LEU B 257 3.57 11.17 31.16
C LEU B 257 2.74 12.46 31.12
N LEU B 258 2.36 12.87 29.91
CA LEU B 258 1.57 14.07 29.73
C LEU B 258 0.20 13.95 30.40
N GLU B 259 -0.42 12.77 30.30
CA GLU B 259 -1.73 12.53 30.89
C GLU B 259 -1.68 12.62 32.41
N GLN B 260 -0.67 11.98 32.99
CA GLN B 260 -0.51 11.97 34.45
C GLN B 260 -0.18 13.38 34.97
N LEU B 261 0.66 14.10 34.24
CA LEU B 261 1.00 15.46 34.65
C LEU B 261 -0.21 16.39 34.53
N LYS B 262 -1.02 16.21 33.49
CA LYS B 262 -2.24 16.99 33.32
C LYS B 262 -3.23 16.66 34.42
N GLU B 263 -3.24 15.40 34.85
CA GLU B 263 -4.13 14.95 35.90
C GLU B 263 -3.72 15.52 37.26
N ARG B 264 -2.41 15.59 37.50
CA ARG B 264 -1.89 16.10 38.75
C ARG B 264 -2.26 17.57 38.98
N PHE B 265 -2.22 18.35 37.91
CA PHE B 265 -2.51 19.78 38.00
C PHE B 265 -3.81 20.13 37.27
N LYS B 266 -4.85 19.32 37.50
CA LYS B 266 -6.14 19.54 36.85
C LYS B 266 -6.84 20.77 37.42
N ASP B 267 -6.46 21.18 38.62
CA ASP B 267 -7.07 22.33 39.27
C ASP B 267 -6.45 23.64 38.79
N LYS B 268 -5.57 23.54 37.79
CA LYS B 268 -4.92 24.70 37.21
C LYS B 268 -5.03 24.68 35.68
N LYS B 269 -5.06 25.86 35.09
CA LYS B 269 -5.23 26.00 33.64
C LYS B 269 -3.89 26.03 32.91
N HIS B 270 -2.83 25.60 33.58
CA HIS B 270 -1.49 25.62 32.99
C HIS B 270 -1.33 24.64 31.84
N LEU B 271 -1.77 23.40 32.04
CA LEU B 271 -1.54 22.32 31.08
C LEU B 271 -2.77 22.02 30.22
N ASP B 272 -3.74 22.94 30.22
CA ASP B 272 -5.00 22.70 29.51
C ASP B 272 -4.84 22.64 27.99
N LYS B 273 -3.91 23.42 27.43
CA LYS B 273 -3.76 23.49 25.98
C LYS B 273 -2.80 22.42 25.44
N PHE B 274 -2.13 21.70 26.34
CA PHE B 274 -1.26 20.60 25.92
C PHE B 274 -2.05 19.30 25.78
N SER B 275 -1.81 18.58 24.69
CA SER B 275 -2.54 17.35 24.42
C SER B 275 -1.68 16.32 23.69
N SER B 276 -2.27 15.16 23.45
CA SER B 276 -1.54 14.01 22.91
C SER B 276 -0.96 14.22 21.51
N TYR B 277 -1.58 15.11 20.73
CA TYR B 277 -1.11 15.32 19.37
C TYR B 277 0.26 15.98 19.34
N HIS B 278 0.53 16.84 20.33
CA HIS B 278 1.83 17.46 20.47
C HIS B 278 2.89 16.39 20.70
N VAL B 279 2.59 15.49 21.63
CA VAL B 279 3.44 14.35 21.95
C VAL B 279 3.70 13.52 20.69
N LYS B 280 2.64 13.24 19.95
CA LYS B 280 2.73 12.44 18.73
C LYS B 280 3.62 13.10 17.67
N THR B 281 3.46 14.41 17.51
CA THR B 281 4.26 15.17 16.55
C THR B 281 5.74 15.16 16.91
N ALA B 282 6.02 15.46 18.18
CA ALA B 282 7.40 15.41 18.67
C ALA B 282 7.99 14.02 18.45
N PHE B 283 7.18 13.00 18.68
CA PHE B 283 7.58 11.62 18.48
C PHE B 283 7.95 11.36 17.02
N PHE B 284 7.14 11.87 16.11
CA PHE B 284 7.42 11.72 14.68
C PHE B 284 8.73 12.40 14.29
N HIS B 285 8.96 13.60 14.84
CA HIS B 285 10.21 14.30 14.59
C HIS B 285 11.41 13.50 15.11
N VAL B 286 11.26 12.90 16.28
CA VAL B 286 12.31 12.06 16.86
C VAL B 286 12.56 10.84 15.98
N CYS B 287 11.49 10.29 15.42
CA CYS B 287 11.60 9.17 14.50
C CYS B 287 12.40 9.58 13.26
N THR B 288 12.17 10.80 12.79
CA THR B 288 12.90 11.33 11.65
C THR B 288 14.38 11.50 12.02
N GLN B 289 14.65 11.91 13.26
CA GLN B 289 16.01 12.07 13.73
C GLN B 289 16.72 10.73 13.91
N ASN B 290 15.96 9.69 14.22
CA ASN B 290 16.52 8.35 14.43
C ASN B 290 15.84 7.34 13.52
N PRO B 291 16.19 7.34 12.22
CA PRO B 291 15.52 6.53 11.21
C PRO B 291 15.81 5.02 11.30
N GLN B 292 16.96 4.65 11.87
CA GLN B 292 17.36 3.25 11.94
C GLN B 292 16.59 2.49 13.01
N ASP B 293 16.31 1.23 12.76
CA ASP B 293 15.63 0.37 13.73
C ASP B 293 16.56 0.05 14.90
N SER B 294 17.86 0.03 14.62
CA SER B 294 18.87 -0.22 15.64
C SER B 294 18.91 0.91 16.66
N GLN B 295 18.39 2.06 16.29
CA GLN B 295 18.33 3.21 17.19
C GLN B 295 17.11 3.11 18.09
N TRP B 296 16.28 2.10 17.84
CA TRP B 296 15.08 1.89 18.65
C TRP B 296 15.03 0.48 19.22
N ASP B 297 16.18 -0.06 19.57
CA ASP B 297 16.26 -1.41 20.12
C ASP B 297 15.51 -1.47 21.46
N ARG B 298 14.96 -2.65 21.77
CA ARG B 298 14.18 -2.85 22.99
C ARG B 298 14.98 -2.50 24.24
N LYS B 299 16.18 -3.07 24.36
CA LYS B 299 17.02 -2.86 25.53
C LYS B 299 17.41 -1.41 25.74
N ASP B 300 17.24 -0.59 24.70
CA ASP B 300 17.60 0.81 24.76
C ASP B 300 16.38 1.70 25.03
N LEU B 301 15.30 1.08 25.49
CA LEU B 301 14.06 1.79 25.81
C LEU B 301 14.30 3.00 26.72
N GLY B 302 15.21 2.84 27.68
CA GLY B 302 15.58 3.92 28.57
C GLY B 302 16.12 5.13 27.84
N LEU B 303 17.03 4.89 26.90
CA LEU B 303 17.66 5.99 26.16
C LEU B 303 16.68 6.64 25.21
N CYS B 304 16.02 5.81 24.38
CA CYS B 304 15.06 6.27 23.39
C CYS B 304 14.03 7.21 23.99
N PHE B 305 13.39 6.76 25.07
CA PHE B 305 12.43 7.57 25.80
C PHE B 305 13.06 8.90 26.20
N ASP B 306 14.25 8.82 26.79
CA ASP B 306 14.98 10.02 27.21
C ASP B 306 15.23 10.95 26.04
N ASN B 307 15.38 10.39 24.84
CA ASN B 307 15.53 11.22 23.65
C ASN B 307 14.24 12.01 23.44
N CYS B 308 13.11 11.28 23.39
CA CYS B 308 11.82 11.89 23.09
C CYS B 308 11.56 13.06 24.02
N VAL B 309 11.55 12.77 25.32
CA VAL B 309 11.43 13.77 26.36
C VAL B 309 12.30 14.97 26.05
N THR B 310 13.59 14.72 25.84
CA THR B 310 14.55 15.77 25.58
C THR B 310 14.07 16.66 24.44
N TYR B 311 13.73 16.03 23.31
CA TYR B 311 13.30 16.79 22.15
C TYR B 311 12.07 17.60 22.51
N PHE B 312 11.14 16.94 23.19
CA PHE B 312 9.90 17.60 23.59
C PHE B 312 10.26 18.84 24.41
N LEU B 313 11.17 18.65 25.36
CA LEU B 313 11.58 19.75 26.22
C LEU B 313 12.14 20.89 25.39
N GLN B 314 12.94 20.53 24.38
CA GLN B 314 13.55 21.54 23.52
C GLN B 314 12.43 22.35 22.86
N CYS B 315 11.43 21.65 22.35
CA CYS B 315 10.30 22.28 21.70
C CYS B 315 9.57 23.21 22.66
N LEU B 316 9.57 22.84 23.94
CA LEU B 316 8.92 23.66 24.94
C LEU B 316 9.71 24.92 25.21
N ARG B 317 11.04 24.83 25.15
CA ARG B 317 11.88 25.96 25.52
C ARG B 317 12.00 26.98 24.40
N THR B 318 12.18 26.48 23.17
CA THR B 318 12.35 27.33 22.01
C THR B 318 11.01 27.77 21.43
N GLU B 319 9.93 27.27 22.00
CA GLU B 319 8.57 27.55 21.52
C GLU B 319 8.43 27.19 20.04
N LYS B 320 8.98 26.04 19.66
CA LYS B 320 8.93 25.59 18.27
C LYS B 320 8.57 24.12 18.16
N LEU B 321 7.40 23.84 17.62
CA LEU B 321 6.98 22.49 17.30
C LEU B 321 6.29 22.48 15.95
N GLU B 322 7.06 22.18 14.90
CA GLU B 322 6.52 22.18 13.54
C GLU B 322 5.53 21.03 13.35
N ASN B 323 4.41 21.33 12.70
CA ASN B 323 3.49 20.30 12.27
C ASN B 323 4.24 19.36 11.34
N TYR B 324 4.09 18.05 11.56
CA TYR B 324 4.88 17.06 10.84
C TYR B 324 4.61 17.08 9.34
N PHE B 325 3.45 17.60 8.94
CA PHE B 325 3.08 17.68 7.54
C PHE B 325 3.17 19.10 7.02
N ILE B 326 2.96 20.07 7.90
CA ILE B 326 3.04 21.47 7.54
C ILE B 326 4.13 22.15 8.37
N PRO B 327 5.39 22.10 7.90
CA PRO B 327 6.56 22.57 8.65
C PRO B 327 6.49 24.05 9.07
N GLU B 328 5.82 24.88 8.29
CA GLU B 328 5.75 26.31 8.63
C GLU B 328 4.57 26.62 9.55
N PHE B 329 3.93 25.56 10.04
CA PHE B 329 2.82 25.70 10.99
C PHE B 329 3.27 25.24 12.39
N ASN B 330 3.49 26.21 13.27
CA ASN B 330 4.04 25.93 14.60
C ASN B 330 2.95 25.66 15.64
N LEU B 331 2.96 24.45 16.19
CA LEU B 331 1.98 24.05 17.19
C LEU B 331 2.25 24.69 18.55
N PHE B 332 3.50 25.13 18.75
CA PHE B 332 3.90 25.70 20.03
C PHE B 332 4.21 27.20 19.93
N SER B 333 3.56 27.88 18.99
CA SER B 333 3.75 29.32 18.84
C SER B 333 3.22 30.05 20.06
N SER B 334 3.71 31.26 20.29
CA SER B 334 3.31 32.06 21.43
C SER B 334 1.83 32.45 21.34
N ASN B 335 1.33 32.54 20.10
CA ASN B 335 -0.07 32.89 19.87
C ASN B 335 -1.01 31.78 20.32
N LEU B 336 -0.58 30.53 20.14
CA LEU B 336 -1.40 29.39 20.52
C LEU B 336 -1.27 29.06 22.00
N ILE B 337 -0.03 28.92 22.47
CA ILE B 337 0.23 28.62 23.87
C ILE B 337 1.19 29.67 24.43
N ASP B 338 0.85 30.21 25.60
CA ASP B 338 1.67 31.24 26.21
C ASP B 338 2.93 30.64 26.85
N LYS B 339 3.95 31.48 27.00
CA LYS B 339 5.26 31.08 27.51
C LYS B 339 5.15 30.43 28.89
N ARG B 340 4.26 30.98 29.72
CA ARG B 340 4.07 30.54 31.10
C ARG B 340 3.77 29.04 31.20
N SER B 341 2.82 28.58 30.38
CA SER B 341 2.41 27.19 30.38
C SER B 341 3.55 26.25 29.99
N LYS B 342 4.26 26.61 28.92
CA LYS B 342 5.38 25.82 28.42
C LYS B 342 6.51 25.76 29.45
N GLU B 343 6.72 26.86 30.16
CA GLU B 343 7.73 26.90 31.21
C GLU B 343 7.33 25.99 32.38
N PHE B 344 6.04 26.00 32.70
CA PHE B 344 5.53 25.15 33.78
C PHE B 344 5.71 23.67 33.44
N LEU B 345 5.25 23.29 32.24
CA LEU B 345 5.38 21.92 31.78
C LEU B 345 6.83 21.49 31.74
N THR B 346 7.69 22.40 31.27
CA THR B 346 9.14 22.14 31.25
C THR B 346 9.64 21.84 32.65
N LYS B 347 9.26 22.68 33.61
CA LYS B 347 9.64 22.51 35.01
C LYS B 347 9.22 21.15 35.55
N GLN B 348 7.96 20.78 35.33
CA GLN B 348 7.42 19.52 35.84
C GLN B 348 8.12 18.31 35.22
N ILE B 349 8.28 18.33 33.90
CA ILE B 349 8.92 17.22 33.20
C ILE B 349 10.37 17.07 33.66
N GLU B 350 11.06 18.20 33.78
CA GLU B 350 12.44 18.21 34.24
C GLU B 350 12.56 17.63 35.65
N TYR B 351 11.63 18.02 36.52
CA TYR B 351 11.57 17.46 37.88
C TYR B 351 11.41 15.95 37.82
N GLU B 352 10.46 15.50 37.00
CA GLU B 352 10.17 14.07 36.85
C GLU B 352 11.42 13.30 36.44
N ARG B 353 12.11 13.81 35.42
CA ARG B 353 13.31 13.13 34.92
C ARG B 353 14.42 13.17 35.97
N ASN B 354 14.51 14.26 36.72
CA ASN B 354 15.54 14.40 37.74
C ASN B 354 15.28 13.52 38.95
N ASN B 355 14.04 13.07 39.12
CA ASN B 355 13.71 12.21 40.26
C ASN B 355 13.24 10.82 39.81
N GLU B 356 13.80 10.35 38.69
CA GLU B 356 13.53 9.01 38.18
C GLU B 356 12.05 8.76 37.93
N PHE B 357 11.33 9.81 37.55
CA PHE B 357 9.92 9.72 37.17
C PHE B 357 9.04 9.06 38.24
N PRO B 358 8.81 9.75 39.36
CA PRO B 358 7.92 9.22 40.39
C PRO B 358 6.46 9.15 39.95
N VAL B 359 6.14 9.78 38.83
CA VAL B 359 4.78 9.77 38.31
C VAL B 359 4.50 8.44 37.64
N PHE B 360 5.55 7.66 37.44
CA PHE B 360 5.44 6.32 36.86
C PHE B 360 5.35 5.24 37.94
N ASP B 361 5.35 5.66 39.20
CA ASP B 361 5.27 4.72 40.31
C ASP B 361 3.84 4.31 40.59
N GLU B 362 3.65 3.05 40.98
CA GLU B 362 2.33 2.52 41.28
C GLU B 362 1.79 3.14 42.58
ZN ZN C . 17.13 -3.97 -3.67
C10 9BJ D . 0.96 -17.39 -23.98
C13 9BJ D . -2.28 -16.87 -21.83
C21 9BJ D . 2.35 -20.97 -18.67
C22 9BJ D . 3.61 -21.05 -18.45
O01 9BJ D . -0.54 -21.70 -20.53
P02 9BJ D . 0.93 -21.62 -20.89
O03 9BJ D . 1.36 -20.20 -21.67
C04 9BJ D . 2.29 -20.27 -22.76
C05 9BJ D . 2.38 -19.04 -23.37
C06 9BJ D . 2.52 -17.84 -22.28
O07 9BJ D . 3.96 -17.66 -21.87
C08 9BJ D . 2.11 -16.84 -22.89
O09 9BJ D . 3.22 -16.19 -23.62
N11 9BJ D . -0.27 -16.78 -23.41
C12 9BJ D . -1.03 -17.49 -22.40
C14 9BJ D . -2.73 -15.53 -22.32
N15 9BJ D . -1.96 -14.83 -23.33
C16 9BJ D . -0.73 -15.45 -23.89
O17 9BJ D . -0.10 -14.87 -24.73
O18 9BJ D . -3.71 -15.03 -21.87
O19 9BJ D . 1.12 -18.69 -24.11
O20 9BJ D . 1.94 -22.04 -19.64
C23 9BJ D . 4.33 -20.08 -19.36
O24 9BJ D . 3.67 -18.81 -19.34
P25 9BJ D . 4.28 -17.54 -20.24
O26 9BJ D . 3.97 -16.18 -19.66
O27 9BJ D . 5.79 -17.67 -20.14
O28 9BJ D . 3.84 -20.62 -16.85
C29 9BJ D . 2.68 -20.57 -16.27
N30 9BJ D . 2.00 -19.28 -15.94
C31 9BJ D . 1.03 -19.21 -14.82
N32 9BJ D . 0.36 -17.91 -14.49
C33 9BJ D . 0.65 -16.71 -15.26
C34 9BJ D . 1.63 -16.78 -16.39
C35 9BJ D . 2.30 -18.09 -16.71
O36 9BJ D . 0.12 -15.69 -15.00
O37 9BJ D . 0.78 -20.18 -14.18
C38 9BJ D . 1.69 -21.22 -17.26
O39 9BJ D . 1.59 -22.53 -17.03
O40 9BJ D . 1.13 -22.70 -21.92
ZN ZN E . 8.76 -1.91 15.46
C10 9BJ F . -10.36 19.17 20.01
C13 9BJ F . -10.52 20.30 16.27
C21 9BJ F . -4.43 21.27 17.97
C22 9BJ F . -3.48 20.86 18.71
O01 9BJ F . -7.23 22.87 17.03
P02 9BJ F . -6.76 22.57 18.43
O03 9BJ F . -7.57 21.29 19.16
C04 9BJ F . -7.97 21.42 20.53
C05 9BJ F . -8.58 20.25 20.95
C06 9BJ F . -8.04 18.97 20.10
O07 9BJ F . -6.84 18.35 20.74
C08 9BJ F . -9.01 18.19 20.13
O09 9BJ F . -9.03 17.46 21.40
N11 9BJ F . -10.61 19.15 18.55
C12 9BJ F . -10.26 20.32 17.75
C14 9BJ F . -11.13 19.10 15.63
N15 9BJ F . -11.48 17.94 16.44
C16 9BJ F . -11.22 17.96 17.91
O17 9BJ F . -11.51 17.01 18.57
O18 9BJ F . -11.33 19.09 14.45
O19 9BJ F . -10.06 20.28 20.68
O20 9BJ F . -5.09 22.47 18.56
C23 9BJ F . -3.96 19.78 19.65
O24 9BJ F . -4.79 18.88 18.90
P25 9BJ F . -5.67 17.72 19.73
O26 9BJ F . -6.18 16.61 18.84
O27 9BJ F . -4.68 17.04 20.64
O28 9BJ F . -2.32 20.23 17.68
C29 9BJ F . -2.62 20.57 16.47
N30 9BJ F . -3.20 19.62 15.47
C31 9BJ F . -2.86 19.76 14.03
N32 9BJ F . -3.42 18.81 13.02
C33 9BJ F . -4.31 17.74 13.45
C34 9BJ F . -4.65 17.58 14.90
C35 9BJ F . -4.09 18.55 15.90
O36 9BJ F . -4.76 16.98 12.65
O37 9BJ F . -2.13 20.63 13.67
C38 9BJ F . -3.75 21.63 16.60
O39 9BJ F . -3.23 22.85 16.65
O40 9BJ F . -7.14 23.79 19.25
#